data_4JQP
#
_entry.id   4JQP
#
_cell.length_a   48.980
_cell.length_b   99.280
_cell.length_c   71.030
_cell.angle_alpha   90.000
_cell.angle_beta   93.920
_cell.angle_gamma   90.000
#
_symmetry.space_group_name_H-M   'P 1 21 1'
#
loop_
_entity.id
_entity.type
_entity.pdbx_description
1 polymer '4-hydroxythreonine-4-phosphate dehydrogenase'
2 non-polymer 'ZINC ION'
3 non-polymer 'MAGNESIUM ION'
4 non-polymer 'CALCIUM ION'
5 non-polymer 1,2-ETHANEDIOL
6 water water
#
_entity_poly.entity_id   1
_entity_poly.type   'polypeptide(L)'
_entity_poly.pdbx_seq_one_letter_code
;MNSTYSRDQIMSNYLPVIGITMGDAAGVGAEVVVKSLAHASVYAQCRPLVIGDAKRLERANQIVGGEMKIRRIEDASEAR
YEQGTIDCIDLGLIPDDLPFGQLSAIAGDAAYQYIKRAVELAQSGKIDAICTAPLNKEALHAGGHKYPGHTEMLAHLTGV
DEVSMMLVAPQLRVIHVTTHIGIIDAIRKIEPGLVQRTIERGNATLVKAGIERPRIGVCGINPHAGENGLFGYGEEEEKI
IPAVTLLQERGLDVTGPLPADTLFFRAGRGDFDLVVAMYHDQGHGPVKVLGLEAGVNVTVGLEVIRTSVDHGTAFDIAGK
GVVDEGSMLEALRQGAELATRR
;
_entity_poly.pdbx_strand_id   A,B
#
# COMPACT_ATOMS: atom_id res chain seq x y z
N ASN A 13 11.24 -30.74 9.25
CA ASN A 13 11.99 -29.75 10.05
C ASN A 13 11.43 -29.64 11.48
N TYR A 14 12.06 -28.79 12.27
CA TYR A 14 11.64 -28.60 13.64
C TYR A 14 10.22 -27.97 13.66
N LEU A 15 9.31 -28.54 14.47
CA LEU A 15 8.01 -27.92 14.71
C LEU A 15 8.07 -27.11 16.01
N PRO A 16 7.92 -25.78 15.92
CA PRO A 16 8.12 -24.96 17.11
C PRO A 16 6.99 -25.16 18.12
N VAL A 17 7.36 -25.04 19.38
CA VAL A 17 6.39 -25.04 20.46
C VAL A 17 5.83 -23.61 20.54
N ILE A 18 4.52 -23.48 20.48
CA ILE A 18 3.87 -22.18 20.66
C ILE A 18 3.13 -22.20 21.98
N GLY A 19 3.47 -21.26 22.85
CA GLY A 19 2.74 -21.08 24.10
C GLY A 19 1.52 -20.24 23.81
N ILE A 20 0.34 -20.84 23.92
CA ILE A 20 -0.92 -20.15 23.66
C ILE A 20 -1.58 -19.75 24.96
N THR A 21 -1.75 -18.46 25.22
CA THR A 21 -2.33 -18.05 26.51
C THR A 21 -3.81 -17.93 26.35
N MET A 22 -4.54 -18.36 27.37
CA MET A 22 -6.01 -18.51 27.27
C MET A 22 -6.75 -17.18 27.30
N GLY A 23 -6.09 -16.14 27.81
CA GLY A 23 -6.72 -14.81 27.98
C GLY A 23 -7.75 -14.79 29.10
N ASP A 24 -8.76 -13.95 28.94
CA ASP A 24 -9.77 -13.75 29.99
C ASP A 24 -10.81 -14.86 29.89
N ALA A 25 -10.98 -15.60 30.98
CA ALA A 25 -11.90 -16.75 30.99
C ALA A 25 -13.37 -16.43 30.78
N ALA A 26 -13.74 -15.16 30.93
CA ALA A 26 -15.13 -14.72 30.67
C ALA A 26 -15.36 -14.36 29.20
N GLY A 27 -14.26 -14.26 28.45
CA GLY A 27 -14.31 -13.86 27.05
C GLY A 27 -14.23 -15.09 26.18
N VAL A 28 -14.07 -14.85 24.89
CA VAL A 28 -14.07 -15.94 23.87
C VAL A 28 -12.77 -16.74 23.73
N GLY A 29 -11.76 -16.42 24.52
CA GLY A 29 -10.44 -17.07 24.39
C GLY A 29 -10.46 -18.61 24.43
N ALA A 30 -11.10 -19.15 25.45
CA ALA A 30 -11.11 -20.60 25.59
C ALA A 30 -11.78 -21.26 24.39
N GLU A 31 -12.89 -20.68 23.98
CA GLU A 31 -13.60 -21.18 22.82
C GLU A 31 -12.79 -21.13 21.54
N VAL A 32 -12.17 -20.00 21.28
CA VAL A 32 -11.38 -19.89 20.06
C VAL A 32 -10.17 -20.80 20.10
N VAL A 33 -9.58 -21.02 21.28
CA VAL A 33 -8.45 -21.95 21.41
C VAL A 33 -8.90 -23.41 21.07
N VAL A 34 -10.00 -23.84 21.68
N VAL A 34 -9.99 -23.88 21.67
CA VAL A 34 -10.52 -25.20 21.46
CA VAL A 34 -10.44 -25.26 21.40
C VAL A 34 -10.90 -25.38 19.97
C VAL A 34 -10.97 -25.44 19.97
N LYS A 35 -11.59 -24.41 19.38
CA LYS A 35 -11.92 -24.49 17.95
C LYS A 35 -10.66 -24.58 17.08
N SER A 36 -9.65 -23.79 17.41
CA SER A 36 -8.43 -23.75 16.59
C SER A 36 -7.72 -25.09 16.57
N LEU A 37 -7.61 -25.72 17.74
CA LEU A 37 -6.79 -26.91 17.83
C LEU A 37 -7.50 -28.15 17.28
N ALA A 38 -8.76 -28.00 16.90
CA ALA A 38 -9.44 -29.05 16.11
C ALA A 38 -8.98 -29.09 14.66
N HIS A 39 -8.25 -28.09 14.21
CA HIS A 39 -7.72 -28.09 12.84
C HIS A 39 -6.37 -28.83 12.76
N ALA A 40 -6.34 -29.92 12.00
CA ALA A 40 -5.11 -30.69 11.73
C ALA A 40 -3.97 -29.84 11.19
N SER A 41 -4.29 -28.81 10.41
CA SER A 41 -3.30 -27.87 9.86
C SER A 41 -2.38 -27.26 10.93
N VAL A 42 -2.92 -26.98 12.11
CA VAL A 42 -2.12 -26.42 13.22
C VAL A 42 -0.94 -27.34 13.54
N TYR A 43 -1.21 -28.64 13.51
CA TYR A 43 -0.23 -29.63 13.90
C TYR A 43 0.85 -29.89 12.85
N ALA A 44 0.60 -29.43 11.62
CA ALA A 44 1.61 -29.44 10.56
C ALA A 44 2.55 -28.24 10.67
N GLN A 45 2.20 -27.24 11.50
CA GLN A 45 2.93 -25.98 11.65
C GLN A 45 3.68 -25.85 12.98
N CYS A 46 3.09 -26.40 14.04
CA CYS A 46 3.62 -26.18 15.39
C CYS A 46 3.19 -27.29 16.34
N ARG A 47 3.74 -27.19 17.53
CA ARG A 47 3.30 -27.96 18.68
C ARG A 47 2.59 -27.00 19.66
N PRO A 48 1.26 -27.07 19.71
CA PRO A 48 0.48 -26.08 20.44
C PRO A 48 0.35 -26.41 21.93
N LEU A 49 0.93 -25.58 22.79
CA LEU A 49 0.88 -25.74 24.24
C LEU A 49 -0.02 -24.65 24.87
N VAL A 50 -1.10 -25.04 25.56
CA VAL A 50 -1.98 -24.01 26.13
C VAL A 50 -1.62 -23.72 27.59
N ILE A 51 -1.47 -22.44 27.91
CA ILE A 51 -1.32 -21.98 29.29
C ILE A 51 -2.66 -21.35 29.68
N GLY A 52 -3.36 -21.93 30.67
CA GLY A 52 -4.66 -21.45 31.00
C GLY A 52 -5.36 -22.24 32.07
N ASP A 53 -6.62 -22.60 31.80
CA ASP A 53 -7.47 -23.26 32.78
C ASP A 53 -8.08 -24.46 32.18
N ALA A 54 -7.69 -25.63 32.66
CA ALA A 54 -8.15 -26.87 32.04
C ALA A 54 -9.67 -27.05 32.12
N LYS A 55 -10.28 -26.72 33.25
CA LYS A 55 -11.73 -26.81 33.39
C LYS A 55 -12.42 -25.87 32.43
N ARG A 56 -11.90 -24.66 32.27
CA ARG A 56 -12.48 -23.72 31.30
C ARG A 56 -12.41 -24.23 29.85
N LEU A 57 -11.30 -24.86 29.47
CA LEU A 57 -11.20 -25.45 28.15
C LEU A 57 -12.19 -26.59 27.96
N GLU A 58 -12.41 -27.38 29.01
CA GLU A 58 -13.43 -28.42 28.99
C GLU A 58 -14.82 -27.86 28.75
N ARG A 59 -15.15 -26.77 29.44
CA ARG A 59 -16.43 -26.11 29.32
C ARG A 59 -16.55 -25.53 27.93
N ALA A 60 -15.48 -24.92 27.44
CA ALA A 60 -15.48 -24.40 26.06
C ALA A 60 -15.71 -25.51 25.06
N ASN A 61 -15.08 -26.64 25.26
CA ASN A 61 -15.27 -27.76 24.35
C ASN A 61 -16.73 -28.19 24.28
N GLN A 62 -17.39 -28.24 25.43
CA GLN A 62 -18.82 -28.60 25.48
C GLN A 62 -19.64 -27.59 24.68
N ILE A 63 -19.32 -26.31 24.89
CA ILE A 63 -20.00 -25.21 24.24
C ILE A 63 -19.88 -25.23 22.72
N VAL A 64 -18.71 -25.56 22.21
CA VAL A 64 -18.46 -25.52 20.80
C VAL A 64 -18.80 -26.83 20.13
N GLY A 65 -19.22 -27.82 20.91
CA GLY A 65 -19.57 -29.13 20.37
C GLY A 65 -18.37 -29.91 19.88
N GLY A 66 -17.23 -29.71 20.54
CA GLY A 66 -16.00 -30.36 20.15
C GLY A 66 -15.83 -31.74 20.74
N GLU A 67 -14.76 -32.40 20.33
CA GLU A 67 -14.43 -33.72 20.80
C GLU A 67 -13.12 -33.71 21.60
N MET A 68 -12.67 -32.52 22.02
CA MET A 68 -11.35 -32.41 22.62
CA MET A 68 -11.37 -32.37 22.68
C MET A 68 -11.34 -32.88 24.08
N LYS A 69 -10.26 -33.56 24.46
CA LYS A 69 -9.97 -33.92 25.85
C LYS A 69 -8.85 -32.97 26.29
N ILE A 70 -8.76 -32.71 27.58
CA ILE A 70 -7.75 -31.81 28.12
C ILE A 70 -6.85 -32.63 29.07
N ARG A 71 -5.54 -32.50 28.88
CA ARG A 71 -4.54 -33.11 29.72
C ARG A 71 -3.86 -32.04 30.57
N ARG A 72 -4.05 -32.13 31.89
CA ARG A 72 -3.44 -31.22 32.84
C ARG A 72 -1.98 -31.53 33.05
N ILE A 73 -1.12 -30.56 32.78
CA ILE A 73 0.29 -30.73 32.94
C ILE A 73 0.87 -29.58 33.76
N GLU A 74 2.00 -29.84 34.37
CA GLU A 74 2.69 -28.86 35.20
C GLU A 74 3.81 -28.17 34.43
N ASP A 75 4.54 -28.95 33.64
CA ASP A 75 5.74 -28.49 32.99
C ASP A 75 5.59 -28.71 31.49
N ALA A 76 6.09 -27.79 30.67
CA ALA A 76 6.02 -27.96 29.20
C ALA A 76 6.53 -29.31 28.70
N SER A 77 7.50 -29.87 29.40
CA SER A 77 8.14 -31.13 28.97
C SER A 77 7.13 -32.30 28.94
N GLU A 78 6.03 -32.15 29.65
CA GLU A 78 5.01 -33.20 29.72
C GLU A 78 4.09 -33.24 28.49
N ALA A 79 4.05 -32.16 27.73
CA ALA A 79 3.14 -32.06 26.61
C ALA A 79 3.42 -33.14 25.57
N ARG A 80 2.37 -33.80 25.09
CA ARG A 80 2.47 -34.87 24.08
C ARG A 80 2.12 -34.42 22.67
N TYR A 81 1.34 -33.34 22.54
CA TYR A 81 0.90 -32.80 21.25
C TYR A 81 0.20 -33.85 20.37
N GLU A 82 -0.63 -34.66 21.02
CA GLU A 82 -1.47 -35.64 20.31
C GLU A 82 -2.76 -34.96 19.91
N GLN A 83 -3.09 -35.01 18.63
CA GLN A 83 -4.35 -34.40 18.19
C GLN A 83 -5.52 -35.01 18.92
N GLY A 84 -6.45 -34.17 19.32
CA GLY A 84 -7.60 -34.63 20.10
C GLY A 84 -7.47 -34.40 21.60
N THR A 85 -6.25 -34.12 22.04
CA THR A 85 -5.97 -33.96 23.47
C THR A 85 -5.09 -32.71 23.61
N ILE A 86 -5.60 -31.71 24.29
CA ILE A 86 -4.92 -30.45 24.42
C ILE A 86 -4.09 -30.53 25.69
N ASP A 87 -2.79 -30.28 25.56
CA ASP A 87 -1.90 -30.17 26.69
C ASP A 87 -2.05 -28.78 27.32
N CYS A 88 -2.52 -28.76 28.56
CA CYS A 88 -2.79 -27.49 29.25
C CYS A 88 -1.95 -27.36 30.54
N ILE A 89 -1.08 -26.36 30.56
CA ILE A 89 -0.44 -25.91 31.79
C ILE A 89 -1.54 -25.19 32.54
N ASP A 90 -2.12 -25.91 33.48
CA ASP A 90 -3.36 -25.56 34.13
C ASP A 90 -3.06 -24.88 35.46
N LEU A 91 -3.31 -23.57 35.55
CA LEU A 91 -3.07 -22.84 36.79
C LEU A 91 -4.19 -22.99 37.81
N GLY A 92 -5.32 -23.55 37.40
CA GLY A 92 -6.41 -23.86 38.31
C GLY A 92 -7.06 -22.66 38.97
N LEU A 93 -7.04 -21.52 38.31
CA LEU A 93 -7.53 -20.26 38.89
C LEU A 93 -9.02 -19.93 38.70
N ILE A 94 -9.67 -20.53 37.72
CA ILE A 94 -11.01 -20.14 37.34
C ILE A 94 -12.07 -21.03 37.99
N PRO A 95 -12.95 -20.46 38.84
CA PRO A 95 -14.05 -21.29 39.36
C PRO A 95 -14.88 -21.93 38.26
N ASP A 96 -15.37 -23.16 38.48
CA ASP A 96 -16.13 -23.87 37.47
C ASP A 96 -17.32 -23.07 36.98
N ASP A 97 -17.91 -22.27 37.86
CA ASP A 97 -19.15 -21.56 37.54
C ASP A 97 -18.96 -20.11 37.14
N LEU A 98 -17.73 -19.70 36.81
CA LEU A 98 -17.54 -18.32 36.45
C LEU A 98 -18.37 -17.97 35.20
N PRO A 99 -19.19 -16.91 35.27
CA PRO A 99 -20.02 -16.63 34.09
C PRO A 99 -19.22 -16.11 32.91
N PHE A 100 -19.63 -16.47 31.72
CA PHE A 100 -19.11 -15.85 30.54
C PHE A 100 -19.75 -14.49 30.37
N GLY A 101 -19.03 -13.58 29.74
CA GLY A 101 -19.59 -12.31 29.30
C GLY A 101 -19.70 -11.21 30.36
N GLN A 102 -19.04 -11.39 31.51
CA GLN A 102 -19.03 -10.43 32.60
C GLN A 102 -17.62 -10.19 33.14
N LEU A 103 -17.37 -8.97 33.58
CA LEU A 103 -16.04 -8.63 34.12
C LEU A 103 -15.83 -9.40 35.42
N SER A 104 -14.60 -9.88 35.60
CA SER A 104 -14.22 -10.67 36.77
C SER A 104 -12.77 -10.36 37.15
N ALA A 105 -12.57 -9.99 38.43
CA ALA A 105 -11.26 -9.77 38.96
C ALA A 105 -10.42 -11.05 38.93
N ILE A 106 -11.02 -12.19 39.20
CA ILE A 106 -10.30 -13.46 39.17
C ILE A 106 -9.88 -13.75 37.75
N ALA A 107 -10.78 -13.54 36.77
CA ALA A 107 -10.43 -13.78 35.37
C ALA A 107 -9.33 -12.85 34.88
N GLY A 108 -9.42 -11.61 35.32
CA GLY A 108 -8.41 -10.60 34.94
C GLY A 108 -7.04 -10.95 35.47
N ASP A 109 -6.99 -11.30 36.74
CA ASP A 109 -5.72 -11.80 37.30
C ASP A 109 -5.23 -13.05 36.54
N ALA A 110 -6.11 -14.04 36.32
CA ALA A 110 -5.67 -15.28 35.67
C ALA A 110 -5.07 -15.00 34.27
N ALA A 111 -5.67 -14.07 33.53
CA ALA A 111 -5.15 -13.67 32.21
C ALA A 111 -3.70 -13.16 32.31
N TYR A 112 -3.44 -12.34 33.33
CA TYR A 112 -2.09 -11.87 33.69
C TYR A 112 -1.20 -13.05 34.05
N GLN A 113 -1.69 -13.98 34.86
CA GLN A 113 -0.85 -15.11 35.26
C GLN A 113 -0.46 -16.00 34.05
N TYR A 114 -1.35 -16.18 33.08
CA TYR A 114 -0.98 -16.95 31.90
C TYR A 114 0.11 -16.29 31.10
N ILE A 115 -0.01 -14.99 30.93
CA ILE A 115 1.01 -14.19 30.23
C ILE A 115 2.33 -14.29 30.98
N LYS A 116 2.27 -14.13 32.32
CA LYS A 116 3.49 -14.22 33.13
C LYS A 116 4.17 -15.57 32.95
N ARG A 117 3.38 -16.65 32.88
CA ARG A 117 3.95 -17.96 32.73
C ARG A 117 4.56 -18.12 31.34
N ALA A 118 3.89 -17.59 30.31
CA ALA A 118 4.42 -17.64 28.96
C ALA A 118 5.77 -16.93 28.88
N VAL A 119 5.88 -15.79 29.54
CA VAL A 119 7.13 -15.01 29.55
C VAL A 119 8.24 -15.82 30.23
N GLU A 120 7.91 -16.50 31.32
CA GLU A 120 8.89 -17.39 32.03
C GLU A 120 9.36 -18.50 31.12
N LEU A 121 8.42 -19.13 30.40
CA LEU A 121 8.75 -20.22 29.49
C LEU A 121 9.62 -19.72 28.34
N ALA A 122 9.35 -18.53 27.85
CA ALA A 122 10.14 -17.99 26.73
C ALA A 122 11.58 -17.77 27.20
N GLN A 123 11.70 -17.23 28.41
CA GLN A 123 12.99 -16.91 28.98
C GLN A 123 13.85 -18.16 29.17
N SER A 124 13.22 -19.25 29.55
CA SER A 124 13.92 -20.52 29.76
C SER A 124 14.11 -21.33 28.48
N GLY A 125 13.58 -20.85 27.36
CA GLY A 125 13.69 -21.56 26.09
C GLY A 125 12.79 -22.78 25.91
N LYS A 126 11.69 -22.81 26.66
CA LYS A 126 10.76 -23.92 26.65
C LYS A 126 9.56 -23.69 25.71
N ILE A 127 9.44 -22.48 25.16
CA ILE A 127 8.56 -22.22 24.01
C ILE A 127 9.33 -21.36 23.01
N ASP A 128 8.84 -21.33 21.79
CA ASP A 128 9.54 -20.71 20.66
C ASP A 128 8.78 -19.52 20.09
N ALA A 129 7.57 -19.29 20.62
CA ALA A 129 6.66 -18.23 20.16
C ALA A 129 5.52 -18.17 21.21
N ILE A 130 4.84 -17.03 21.26
CA ILE A 130 3.66 -16.87 22.11
C ILE A 130 2.52 -16.45 21.20
N CYS A 131 1.34 -17.05 21.40
CA CYS A 131 0.13 -16.59 20.69
C CYS A 131 -0.93 -16.29 21.75
N THR A 132 -1.36 -15.04 21.83
CA THR A 132 -2.23 -14.65 22.94
C THR A 132 -3.71 -14.56 22.51
N ALA A 133 -4.56 -15.28 23.21
CA ALA A 133 -6.00 -15.10 23.12
C ALA A 133 -6.41 -13.82 23.84
N PRO A 134 -7.60 -13.30 23.55
CA PRO A 134 -7.94 -11.94 23.99
C PRO A 134 -8.11 -11.82 25.50
N LEU A 135 -7.74 -10.66 26.01
CA LEU A 135 -8.08 -10.33 27.41
C LEU A 135 -8.73 -8.96 27.45
N ASN A 136 -9.19 -8.59 28.64
CA ASN A 136 -10.02 -7.41 28.84
C ASN A 136 -9.30 -6.49 29.82
N LYS A 137 -8.97 -5.29 29.36
CA LYS A 137 -8.19 -4.33 30.14
C LYS A 137 -8.87 -3.98 31.49
N GLU A 138 -10.17 -3.74 31.47
CA GLU A 138 -10.89 -3.40 32.70
C GLU A 138 -10.78 -4.55 33.71
N ALA A 139 -10.94 -5.80 33.24
CA ALA A 139 -10.80 -6.96 34.14
C ALA A 139 -9.38 -7.11 34.67
N LEU A 140 -8.40 -6.85 33.81
CA LEU A 140 -7.00 -6.85 34.24
C LEU A 140 -6.81 -5.90 35.43
N HIS A 141 -7.32 -4.68 35.30
CA HIS A 141 -7.22 -3.74 36.40
C HIS A 141 -7.99 -4.19 37.64
N ALA A 142 -9.15 -4.80 37.41
CA ALA A 142 -9.95 -5.36 38.51
C ALA A 142 -9.19 -6.42 39.30
N GLY A 143 -8.30 -7.15 38.63
CA GLY A 143 -7.48 -8.14 39.28
C GLY A 143 -6.15 -7.61 39.80
N GLY A 144 -5.98 -6.30 39.82
CA GLY A 144 -4.82 -5.68 40.43
C GLY A 144 -3.63 -5.43 39.52
N HIS A 145 -3.85 -5.47 38.22
CA HIS A 145 -2.77 -5.34 37.25
C HIS A 145 -3.04 -4.14 36.38
N LYS A 146 -2.55 -2.98 36.83
CA LYS A 146 -2.95 -1.73 36.17
C LYS A 146 -2.08 -1.42 34.97
N TYR A 147 -2.24 -2.17 33.89
CA TYR A 147 -1.48 -1.95 32.66
C TYR A 147 -2.31 -1.23 31.63
N PRO A 148 -1.64 -0.49 30.72
CA PRO A 148 -2.38 0.21 29.69
C PRO A 148 -3.00 -0.74 28.67
N GLY A 149 -2.45 -1.95 28.57
CA GLY A 149 -2.97 -2.95 27.67
C GLY A 149 -2.20 -4.26 27.68
N HIS A 150 -2.67 -5.17 26.84
CA HIS A 150 -2.17 -6.52 26.67
C HIS A 150 -0.68 -6.50 26.26
N THR A 151 -0.35 -5.72 25.23
CA THR A 151 1.02 -5.65 24.72
C THR A 151 1.97 -5.01 25.76
N GLU A 152 1.52 -3.94 26.43
CA GLU A 152 2.33 -3.28 27.46
C GLU A 152 2.66 -4.21 28.63
N MET A 153 1.73 -5.08 28.96
CA MET A 153 1.94 -6.01 30.05
C MET A 153 3.00 -7.06 29.69
N LEU A 154 2.92 -7.58 28.47
CA LEU A 154 3.95 -8.48 27.94
C LEU A 154 5.33 -7.84 27.99
N ALA A 155 5.42 -6.58 27.54
CA ALA A 155 6.70 -5.88 27.54
C ALA A 155 7.24 -5.74 28.97
N HIS A 156 6.39 -5.29 29.88
CA HIS A 156 6.83 -5.08 31.26
C HIS A 156 7.33 -6.35 31.91
N LEU A 157 6.57 -7.44 31.77
CA LEU A 157 6.95 -8.70 32.37
C LEU A 157 8.24 -9.27 31.76
N THR A 158 8.44 -9.01 30.48
CA THR A 158 9.64 -9.43 29.77
C THR A 158 10.90 -8.62 30.18
N GLY A 159 10.72 -7.39 30.64
CA GLY A 159 11.83 -6.52 31.04
C GLY A 159 12.30 -5.59 29.94
N VAL A 160 11.42 -5.28 28.99
CA VAL A 160 11.78 -4.32 27.90
C VAL A 160 10.86 -3.11 27.91
N ASP A 161 11.44 -1.95 27.62
CA ASP A 161 10.70 -0.71 27.59
C ASP A 161 9.84 -0.52 26.34
N GLU A 162 10.23 -1.15 25.23
CA GLU A 162 9.62 -0.91 23.91
C GLU A 162 9.43 -2.20 23.16
N VAL A 163 8.35 -2.30 22.41
CA VAL A 163 8.22 -3.30 21.35
C VAL A 163 7.81 -2.60 20.06
N SER A 164 7.83 -3.33 18.96
CA SER A 164 7.32 -2.81 17.70
C SER A 164 6.27 -3.72 17.11
N MET A 165 5.32 -3.13 16.38
CA MET A 165 4.29 -3.89 15.69
CA MET A 165 4.31 -3.94 15.72
C MET A 165 4.68 -4.19 14.25
N MET A 166 4.43 -5.43 13.83
CA MET A 166 4.74 -5.89 12.50
C MET A 166 3.54 -6.57 11.85
N LEU A 167 3.40 -6.37 10.54
CA LEU A 167 2.40 -7.05 9.75
C LEU A 167 3.13 -7.92 8.78
N VAL A 168 2.56 -9.09 8.46
CA VAL A 168 3.18 -10.05 7.58
C VAL A 168 2.23 -10.47 6.48
N ALA A 169 2.75 -10.51 5.27
CA ALA A 169 2.03 -11.05 4.10
C ALA A 169 3.05 -11.85 3.34
N PRO A 170 2.62 -12.56 2.27
N PRO A 170 2.59 -12.66 2.35
CA PRO A 170 3.62 -13.19 1.42
CA PRO A 170 3.42 -13.67 1.68
C PRO A 170 4.64 -12.19 0.86
C PRO A 170 4.84 -13.21 1.33
N GLN A 171 5.93 -12.54 0.99
N GLN A 171 4.97 -12.01 0.75
CA GLN A 171 7.06 -11.67 0.61
CA GLN A 171 6.27 -11.51 0.30
C GLN A 171 7.13 -10.31 1.32
C GLN A 171 6.74 -10.25 1.04
N LEU A 172 6.21 -10.02 2.24
CA LEU A 172 6.31 -8.74 2.95
C LEU A 172 6.28 -8.89 4.44
N ARG A 173 7.28 -8.34 5.11
CA ARG A 173 7.22 -8.13 6.53
C ARG A 173 7.43 -6.64 6.77
N VAL A 174 6.48 -6.00 7.44
CA VAL A 174 6.53 -4.56 7.62
C VAL A 174 6.50 -4.25 9.10
N ILE A 175 7.62 -3.79 9.63
CA ILE A 175 7.71 -3.37 11.05
C ILE A 175 7.54 -1.86 11.11
N HIS A 176 6.91 -1.34 12.15
CA HIS A 176 6.57 0.09 12.23
C HIS A 176 7.35 0.83 13.30
N VAL A 177 7.88 1.99 12.95
CA VAL A 177 8.57 2.82 13.94
C VAL A 177 7.50 3.43 14.88
N THR A 178 6.38 3.87 14.31
CA THR A 178 5.23 4.36 15.03
C THR A 178 3.97 3.71 14.49
N THR A 179 2.92 3.65 15.33
CA THR A 179 1.64 3.07 14.94
C THR A 179 0.50 3.99 15.37
N HIS A 180 -0.09 3.73 16.53
CA HIS A 180 -1.35 4.38 16.87
C HIS A 180 -1.16 5.73 17.52
N ILE A 181 -1.00 6.73 16.66
CA ILE A 181 -0.75 8.09 17.04
C ILE A 181 -1.12 8.91 15.78
N GLY A 182 -1.55 10.16 15.94
CA GLY A 182 -1.84 10.98 14.79
C GLY A 182 -0.62 11.19 13.93
N ILE A 183 -0.81 11.57 12.68
CA ILE A 183 0.32 11.61 11.73
C ILE A 183 1.34 12.74 12.08
N ILE A 184 0.86 13.92 12.48
CA ILE A 184 1.76 15.02 12.89
C ILE A 184 2.59 14.59 14.10
N ASP A 185 1.95 13.98 15.09
CA ASP A 185 2.68 13.57 16.30
C ASP A 185 3.62 12.40 16.00
N ALA A 186 3.24 11.57 15.02
CA ALA A 186 4.11 10.45 14.62
C ALA A 186 5.44 10.98 14.14
N ILE A 187 5.39 11.94 13.22
CA ILE A 187 6.62 12.49 12.64
C ILE A 187 7.49 13.15 13.75
N ARG A 188 6.87 13.82 14.72
CA ARG A 188 7.58 14.38 15.85
C ARG A 188 8.23 13.30 16.67
N LYS A 189 7.52 12.19 16.90
CA LYS A 189 8.04 11.11 17.76
C LYS A 189 9.25 10.39 17.14
N ILE A 190 9.29 10.28 15.83
CA ILE A 190 10.39 9.58 15.16
C ILE A 190 11.70 10.34 15.35
N GLU A 191 12.73 9.66 15.81
CA GLU A 191 14.06 10.24 16.00
C GLU A 191 15.05 9.09 15.98
N PRO A 192 16.35 9.39 15.91
CA PRO A 192 17.24 8.27 15.55
C PRO A 192 17.31 7.10 16.53
N GLY A 193 17.14 7.34 17.82
CA GLY A 193 17.14 6.24 18.82
C GLY A 193 16.02 5.25 18.53
N LEU A 194 14.81 5.77 18.39
CA LEU A 194 13.65 4.94 18.15
C LEU A 194 13.76 4.21 16.80
N VAL A 195 14.26 4.89 15.76
CA VAL A 195 14.47 4.23 14.47
C VAL A 195 15.50 3.08 14.61
N GLN A 196 16.64 3.37 15.23
CA GLN A 196 17.68 2.40 15.47
C GLN A 196 17.11 1.19 16.17
N ARG A 197 16.39 1.39 17.25
CA ARG A 197 15.85 0.24 18.01
C ARG A 197 14.82 -0.55 17.24
N THR A 198 14.03 0.14 16.42
CA THR A 198 13.05 -0.58 15.59
C THR A 198 13.75 -1.49 14.62
N ILE A 199 14.77 -0.99 13.96
CA ILE A 199 15.57 -1.80 13.04
C ILE A 199 16.22 -2.96 13.81
N GLU A 200 16.81 -2.67 14.98
CA GLU A 200 17.46 -3.74 15.77
C GLU A 200 16.49 -4.84 16.16
N ARG A 201 15.27 -4.45 16.61
CA ARG A 201 14.24 -5.40 16.99
C ARG A 201 13.92 -6.30 15.81
N GLY A 202 13.69 -5.67 14.66
CA GLY A 202 13.36 -6.41 13.45
C GLY A 202 14.46 -7.37 13.05
N ASN A 203 15.69 -6.90 13.09
CA ASN A 203 16.82 -7.73 12.74
C ASN A 203 16.92 -8.91 13.66
N ALA A 204 16.82 -8.66 14.97
CA ALA A 204 16.98 -9.76 15.95
C ALA A 204 15.91 -10.83 15.81
N THR A 205 14.69 -10.41 15.52
CA THR A 205 13.62 -11.37 15.41
CA THR A 205 13.58 -11.35 15.39
C THR A 205 13.80 -12.25 14.17
N LEU A 206 14.31 -11.67 13.08
CA LEU A 206 14.50 -12.47 11.88
C LEU A 206 15.70 -13.42 12.01
N VAL A 207 16.73 -12.99 12.72
CA VAL A 207 17.85 -13.89 13.07
C VAL A 207 17.34 -15.08 13.88
N LYS A 208 16.50 -14.81 14.89
CA LYS A 208 15.89 -15.92 15.66
C LYS A 208 15.09 -16.89 14.79
N ALA A 209 14.44 -16.36 13.75
CA ALA A 209 13.61 -17.16 12.87
C ALA A 209 14.40 -17.78 11.73
N GLY A 210 15.72 -17.65 11.76
CA GLY A 210 16.59 -18.45 10.87
C GLY A 210 17.13 -17.68 9.66
N ILE A 211 16.93 -16.36 9.63
CA ILE A 211 17.54 -15.50 8.60
C ILE A 211 18.83 -14.89 9.17
N GLU A 212 19.99 -15.46 8.81
CA GLU A 212 21.27 -15.10 9.43
C GLU A 212 21.62 -13.61 9.28
N ARG A 213 21.39 -13.08 8.07
CA ARG A 213 21.70 -11.67 7.78
C ARG A 213 20.53 -10.99 7.07
N PRO A 214 19.55 -10.55 7.87
CA PRO A 214 18.34 -9.96 7.28
C PRO A 214 18.64 -8.76 6.38
N ARG A 215 17.95 -8.72 5.25
CA ARG A 215 18.09 -7.59 4.32
C ARG A 215 16.97 -6.60 4.65
N ILE A 216 17.35 -5.46 5.18
CA ILE A 216 16.37 -4.52 5.72
C ILE A 216 16.32 -3.27 4.83
N GLY A 217 15.10 -2.87 4.45
CA GLY A 217 14.86 -1.62 3.72
C GLY A 217 14.11 -0.67 4.63
N VAL A 218 14.49 0.60 4.64
CA VAL A 218 13.89 1.58 5.49
C VAL A 218 13.18 2.64 4.66
N CYS A 219 11.92 2.92 5.02
CA CYS A 219 11.17 3.99 4.36
C CYS A 219 11.59 5.39 4.79
N GLY A 220 11.44 6.34 3.88
CA GLY A 220 11.52 7.75 4.25
C GLY A 220 10.27 8.19 4.99
N ILE A 221 10.35 9.38 5.54
CA ILE A 221 9.22 10.12 6.12
C ILE A 221 8.46 10.89 5.02
N ASN A 222 9.22 11.59 4.18
CA ASN A 222 8.71 12.33 3.04
C ASN A 222 8.64 11.46 1.80
N PRO A 223 7.70 11.77 0.88
CA PRO A 223 7.69 10.98 -0.36
C PRO A 223 9.03 11.13 -1.04
N HIS A 224 9.44 10.09 -1.76
CA HIS A 224 10.75 10.05 -2.43
C HIS A 224 11.93 10.20 -1.42
N ALA A 225 11.66 9.92 -0.13
CA ALA A 225 12.61 10.18 0.95
C ALA A 225 13.18 11.59 0.91
N GLY A 226 12.33 12.53 0.51
CA GLY A 226 12.75 13.95 0.45
C GLY A 226 13.26 14.43 -0.90
N GLU A 227 13.64 13.54 -1.82
CA GLU A 227 14.14 13.93 -3.14
CA GLU A 227 14.08 13.98 -3.16
C GLU A 227 15.22 14.99 -3.00
N ASN A 228 16.25 14.60 -2.26
CA ASN A 228 17.41 15.48 -2.04
C ASN A 228 17.00 16.86 -1.59
N GLY A 229 16.06 16.89 -0.65
CA GLY A 229 15.68 18.11 0.04
C GLY A 229 14.57 18.92 -0.61
N LEU A 230 14.10 18.47 -1.77
CA LEU A 230 13.01 19.11 -2.43
C LEU A 230 11.71 19.07 -1.63
N PHE A 231 11.48 17.97 -0.91
CA PHE A 231 10.22 17.80 -0.18
C PHE A 231 10.55 17.70 1.30
N GLY A 232 9.88 18.51 2.11
CA GLY A 232 9.97 18.35 3.56
C GLY A 232 10.94 19.28 4.25
N TYR A 233 11.19 18.96 5.51
CA TYR A 233 11.98 19.78 6.45
C TYR A 233 13.22 19.03 6.93
N GLY A 234 13.77 18.18 6.08
CA GLY A 234 15.01 17.48 6.43
C GLY A 234 14.80 16.36 7.45
N GLU A 235 13.60 15.81 7.51
CA GLU A 235 13.32 14.74 8.46
C GLU A 235 14.19 13.50 8.29
N GLU A 236 14.47 13.10 7.05
CA GLU A 236 15.35 11.94 6.84
C GLU A 236 16.71 12.09 7.49
N GLU A 237 17.31 13.26 7.31
CA GLU A 237 18.65 13.53 7.78
C GLU A 237 18.70 13.72 9.30
N GLU A 238 17.62 14.27 9.85
CA GLU A 238 17.49 14.53 11.29
CA GLU A 238 17.51 14.51 11.29
C GLU A 238 17.17 13.23 12.05
N LYS A 239 16.26 12.46 11.49
CA LYS A 239 15.58 11.40 12.25
C LYS A 239 15.93 9.96 11.88
N ILE A 240 16.39 9.73 10.66
CA ILE A 240 16.52 8.35 10.15
C ILE A 240 17.98 7.99 9.81
N ILE A 241 18.60 8.83 9.02
CA ILE A 241 19.91 8.53 8.48
C ILE A 241 20.97 8.24 9.59
N PRO A 242 20.97 9.01 10.69
CA PRO A 242 22.01 8.68 11.68
C PRO A 242 21.91 7.26 12.25
N ALA A 243 20.68 6.75 12.35
CA ALA A 243 20.44 5.36 12.79
C ALA A 243 20.88 4.37 11.73
N VAL A 244 20.49 4.61 10.47
CA VAL A 244 20.86 3.71 9.39
C VAL A 244 22.37 3.60 9.27
N THR A 245 23.06 4.74 9.30
CA THR A 245 24.52 4.71 9.18
C THR A 245 25.17 3.93 10.32
N LEU A 246 24.75 4.18 11.54
CA LEU A 246 25.33 3.50 12.68
C LEU A 246 25.19 1.99 12.53
N LEU A 247 24.00 1.55 12.14
CA LEU A 247 23.75 0.12 12.03
C LEU A 247 24.51 -0.52 10.84
N GLN A 248 24.70 0.25 9.78
CA GLN A 248 25.54 -0.20 8.66
C GLN A 248 26.98 -0.42 9.15
N GLU A 249 27.47 0.51 9.95
CA GLU A 249 28.85 0.43 10.45
C GLU A 249 28.99 -0.78 11.36
N ARG A 250 27.92 -1.11 12.07
CA ARG A 250 27.89 -2.27 12.96
C ARG A 250 27.70 -3.58 12.21
N GLY A 251 27.50 -3.50 10.90
CA GLY A 251 27.46 -4.67 10.02
C GLY A 251 26.08 -5.21 9.66
N LEU A 252 25.00 -4.53 10.06
CA LEU A 252 23.68 -4.95 9.59
C LEU A 252 23.49 -4.57 8.10
N ASP A 253 22.61 -5.30 7.43
CA ASP A 253 22.32 -5.04 6.01
C ASP A 253 21.08 -4.15 5.95
N VAL A 254 21.33 -2.85 5.91
CA VAL A 254 20.27 -1.86 5.99
C VAL A 254 20.42 -0.90 4.82
N THR A 255 19.33 -0.70 4.08
CA THR A 255 19.30 0.20 2.93
C THR A 255 18.20 1.24 3.15
N GLY A 256 18.54 2.51 3.02
CA GLY A 256 17.56 3.57 3.11
C GLY A 256 18.07 4.80 3.83
N PRO A 257 17.20 5.82 4.00
CA PRO A 257 15.79 5.83 3.62
C PRO A 257 15.54 5.82 2.11
N LEU A 258 14.57 5.00 1.67
CA LEU A 258 14.13 4.88 0.29
C LEU A 258 12.73 5.43 0.14
N PRO A 259 12.39 5.88 -1.08
CA PRO A 259 10.99 6.21 -1.35
C PRO A 259 10.14 5.00 -0.94
N ALA A 260 9.14 5.23 -0.09
CA ALA A 260 8.41 4.11 0.51
C ALA A 260 7.74 3.20 -0.53
N ASP A 261 7.15 3.82 -1.55
CA ASP A 261 6.47 3.08 -2.59
C ASP A 261 7.39 2.18 -3.42
N THR A 262 8.53 2.72 -3.84
CA THR A 262 9.59 1.97 -4.50
C THR A 262 10.05 0.79 -3.60
N LEU A 263 10.26 1.07 -2.32
CA LEU A 263 10.66 0.02 -1.40
C LEU A 263 9.62 -1.09 -1.32
N PHE A 264 8.32 -0.74 -1.28
CA PHE A 264 7.28 -1.75 -1.29
C PHE A 264 7.27 -2.59 -2.57
N PHE A 265 7.48 -1.95 -3.69
CA PHE A 265 7.62 -2.64 -4.98
C PHE A 265 8.76 -3.67 -4.87
N ARG A 266 9.95 -3.20 -4.44
CA ARG A 266 11.12 -4.10 -4.37
C ARG A 266 10.93 -5.23 -3.37
N ALA A 267 10.34 -4.91 -2.23
CA ALA A 267 10.07 -5.92 -1.21
C ALA A 267 9.13 -6.99 -1.74
N GLY A 268 8.09 -6.61 -2.47
CA GLY A 268 7.19 -7.59 -3.06
C GLY A 268 7.88 -8.49 -4.07
N ARG A 269 8.91 -7.95 -4.70
CA ARG A 269 9.71 -8.69 -5.67
C ARG A 269 10.70 -9.65 -5.01
N GLY A 270 10.96 -9.47 -3.72
CA GLY A 270 11.87 -10.31 -2.97
C GLY A 270 13.21 -9.73 -2.57
N ASP A 271 13.39 -8.40 -2.71
CA ASP A 271 14.68 -7.77 -2.43
C ASP A 271 14.96 -7.53 -0.95
N PHE A 272 13.94 -7.60 -0.12
CA PHE A 272 14.10 -7.33 1.32
C PHE A 272 13.38 -8.35 2.18
N ASP A 273 14.00 -8.76 3.28
CA ASP A 273 13.33 -9.57 4.29
C ASP A 273 12.43 -8.76 5.23
N LEU A 274 12.61 -7.46 5.24
CA LEU A 274 11.94 -6.59 6.19
C LEU A 274 11.90 -5.15 5.63
N VAL A 275 10.72 -4.57 5.73
CA VAL A 275 10.48 -3.18 5.44
C VAL A 275 10.19 -2.43 6.75
N VAL A 276 10.91 -1.34 6.98
CA VAL A 276 10.70 -0.52 8.13
C VAL A 276 9.90 0.69 7.71
N ALA A 277 8.61 0.68 8.05
CA ALA A 277 7.71 1.77 7.79
C ALA A 277 7.80 2.78 8.93
N MET A 278 7.62 4.06 8.62
CA MET A 278 7.76 5.12 9.60
C MET A 278 6.48 5.38 10.39
N TYR A 279 5.34 5.20 9.75
CA TYR A 279 4.05 5.47 10.37
C TYR A 279 2.99 4.52 9.85
N HIS A 280 1.87 4.48 10.56
CA HIS A 280 0.81 3.46 10.41
C HIS A 280 0.38 3.25 8.99
N ASP A 281 -0.16 4.30 8.35
CA ASP A 281 -0.76 4.03 7.03
C ASP A 281 0.28 3.70 5.97
N GLN A 282 1.50 4.19 6.13
CA GLN A 282 2.56 3.91 5.17
C GLN A 282 2.83 2.40 5.08
N GLY A 283 2.77 1.72 6.22
CA GLY A 283 3.04 0.30 6.25
C GLY A 283 1.79 -0.56 6.15
N HIS A 284 0.67 -0.06 6.66
CA HIS A 284 -0.55 -0.86 6.72
C HIS A 284 -1.30 -0.95 5.38
N GLY A 285 -1.29 0.13 4.62
CA GLY A 285 -2.03 0.14 3.36
C GLY A 285 -1.53 -0.91 2.38
N PRO A 286 -0.20 -1.02 2.20
CA PRO A 286 0.31 -2.04 1.27
C PRO A 286 0.09 -3.49 1.69
N VAL A 287 -0.02 -3.74 2.98
CA VAL A 287 -0.39 -5.08 3.43
C VAL A 287 -1.88 -5.34 3.23
N LYS A 288 -2.72 -4.40 3.67
CA LYS A 288 -4.17 -4.59 3.64
C LYS A 288 -4.76 -4.68 2.22
N VAL A 289 -4.16 -3.98 1.27
CA VAL A 289 -4.67 -4.00 -0.12
C VAL A 289 -4.67 -5.42 -0.66
N LEU A 290 -3.77 -6.28 -0.15
CA LEU A 290 -3.65 -7.65 -0.65
C LEU A 290 -4.87 -8.52 -0.33
N GLY A 291 -5.68 -8.07 0.63
CA GLY A 291 -6.95 -8.69 0.97
C GLY A 291 -6.83 -10.07 1.58
N LEU A 292 -5.75 -10.30 2.34
CA LEU A 292 -5.53 -11.60 2.97
C LEU A 292 -6.18 -11.65 4.36
N GLU A 293 -6.15 -12.83 4.99
CA GLU A 293 -6.82 -13.04 6.28
C GLU A 293 -6.40 -11.93 7.23
N ALA A 294 -7.38 -11.17 7.71
CA ALA A 294 -7.13 -10.00 8.51
C ALA A 294 -7.12 -10.35 9.99
N GLY A 295 -6.77 -9.35 10.79
CA GLY A 295 -6.96 -9.43 12.22
C GLY A 295 -5.72 -9.77 13.01
N VAL A 296 -4.63 -10.15 12.35
CA VAL A 296 -3.42 -10.58 13.09
C VAL A 296 -2.33 -9.52 13.24
N ASN A 297 -1.93 -9.29 14.49
CA ASN A 297 -0.87 -8.35 14.79
C ASN A 297 0.34 -9.14 15.32
N VAL A 298 1.55 -8.74 14.93
CA VAL A 298 2.78 -9.42 15.36
C VAL A 298 3.54 -8.41 16.22
N THR A 299 3.92 -8.83 17.42
CA THR A 299 4.67 -8.01 18.37
C THR A 299 6.12 -8.48 18.35
N VAL A 300 7.01 -7.54 18.12
CA VAL A 300 8.44 -7.81 17.98
C VAL A 300 9.21 -7.14 19.10
N GLY A 301 10.14 -7.88 19.69
CA GLY A 301 11.01 -7.34 20.75
C GLY A 301 10.92 -8.08 22.10
N LEU A 302 10.02 -9.02 22.24
CA LEU A 302 10.00 -9.90 23.40
C LEU A 302 11.06 -10.99 23.23
N GLU A 303 11.13 -11.93 24.15
CA GLU A 303 12.15 -12.98 24.05
C GLU A 303 11.88 -13.90 22.87
N VAL A 304 10.60 -14.15 22.56
CA VAL A 304 10.20 -14.84 21.34
C VAL A 304 9.14 -13.98 20.66
N ILE A 305 8.88 -14.30 19.39
CA ILE A 305 7.81 -13.64 18.66
C ILE A 305 6.48 -13.85 19.37
N ARG A 306 5.61 -12.84 19.29
CA ARG A 306 4.27 -12.97 19.82
C ARG A 306 3.29 -12.52 18.75
N THR A 307 2.21 -13.30 18.60
CA THR A 307 1.13 -12.88 17.74
C THR A 307 -0.17 -12.80 18.56
N SER A 308 -1.16 -12.14 17.96
CA SER A 308 -2.46 -12.00 18.59
CA SER A 308 -2.47 -12.00 18.58
C SER A 308 -3.48 -11.62 17.53
N VAL A 309 -4.74 -11.72 17.91
CA VAL A 309 -5.81 -11.27 17.02
CA VAL A 309 -5.85 -11.31 17.06
C VAL A 309 -6.45 -9.99 17.53
N ASP A 310 -7.00 -9.22 16.60
CA ASP A 310 -7.69 -7.94 16.89
C ASP A 310 -9.02 -8.00 17.63
N HIS A 311 -9.72 -9.13 17.66
CA HIS A 311 -11.19 -9.13 17.90
C HIS A 311 -11.74 -8.86 19.33
N GLY A 312 -10.87 -8.76 20.33
CA GLY A 312 -11.31 -8.52 21.71
C GLY A 312 -11.98 -9.73 22.39
N THR A 313 -12.32 -9.58 23.67
CA THR A 313 -12.97 -10.64 24.45
C THR A 313 -14.40 -10.96 23.98
N ALA A 314 -15.05 -10.01 23.30
CA ALA A 314 -16.37 -10.27 22.67
C ALA A 314 -17.37 -10.87 23.66
N PHE A 315 -17.53 -10.17 24.78
CA PHE A 315 -18.44 -10.60 25.83
C PHE A 315 -19.87 -10.85 25.32
N ASP A 316 -20.28 -10.16 24.26
CA ASP A 316 -21.63 -10.35 23.71
C ASP A 316 -21.85 -11.77 23.13
N ILE A 317 -20.77 -12.47 22.76
CA ILE A 317 -20.90 -13.80 22.20
C ILE A 317 -20.16 -14.86 22.99
N ALA A 318 -19.44 -14.44 24.03
CA ALA A 318 -18.70 -15.40 24.86
C ALA A 318 -19.65 -16.40 25.48
N GLY A 319 -19.22 -17.66 25.45
CA GLY A 319 -19.99 -18.76 25.96
C GLY A 319 -21.06 -19.34 25.05
N LYS A 320 -21.17 -18.82 23.84
CA LYS A 320 -22.25 -19.19 22.91
C LYS A 320 -21.76 -20.09 21.78
N GLY A 321 -20.43 -20.30 21.69
CA GLY A 321 -19.88 -21.20 20.68
C GLY A 321 -19.83 -20.70 19.25
N VAL A 322 -20.07 -19.40 19.05
CA VAL A 322 -20.12 -18.84 17.69
C VAL A 322 -18.84 -18.12 17.25
N VAL A 323 -17.96 -17.80 18.17
CA VAL A 323 -16.72 -17.11 17.82
C VAL A 323 -16.01 -17.84 16.67
N ASP A 324 -15.49 -17.08 15.72
CA ASP A 324 -14.83 -17.67 14.58
C ASP A 324 -13.33 -17.75 14.80
N GLU A 325 -12.74 -18.90 14.47
CA GLU A 325 -11.33 -19.13 14.77
C GLU A 325 -10.37 -18.82 13.63
N GLY A 326 -10.87 -18.24 12.53
CA GLY A 326 -10.01 -17.94 11.37
C GLY A 326 -8.82 -17.07 11.74
N SER A 327 -9.10 -16.00 12.47
CA SER A 327 -8.03 -15.09 12.86
C SER A 327 -6.99 -15.79 13.70
N MET A 328 -7.45 -16.57 14.67
CA MET A 328 -6.52 -17.25 15.57
C MET A 328 -5.67 -18.27 14.82
N LEU A 329 -6.28 -18.96 13.86
CA LEU A 329 -5.49 -19.90 13.05
C LEU A 329 -4.37 -19.18 12.32
N GLU A 330 -4.67 -18.02 11.77
CA GLU A 330 -3.67 -17.26 11.04
C GLU A 330 -2.59 -16.74 12.02
N ALA A 331 -3.01 -16.37 13.21
CA ALA A 331 -2.08 -15.91 14.24
C ALA A 331 -1.12 -17.04 14.61
N LEU A 332 -1.65 -18.25 14.73
CA LEU A 332 -0.78 -19.41 14.99
C LEU A 332 0.18 -19.67 13.84
N ARG A 333 -0.32 -19.60 12.61
CA ARG A 333 0.48 -19.87 11.44
C ARG A 333 1.64 -18.86 11.35
N GLN A 334 1.32 -17.58 11.51
CA GLN A 334 2.34 -16.51 11.46
C GLN A 334 3.36 -16.65 12.57
N GLY A 335 2.87 -17.03 13.76
CA GLY A 335 3.73 -17.28 14.92
C GLY A 335 4.68 -18.42 14.66
N ALA A 336 4.18 -19.49 14.06
CA ALA A 336 5.01 -20.63 13.79
C ALA A 336 6.13 -20.27 12.80
N GLU A 337 5.78 -19.47 11.79
CA GLU A 337 6.76 -19.05 10.74
C GLU A 337 7.89 -18.23 11.32
N LEU A 338 7.57 -17.42 12.34
CA LEU A 338 8.54 -16.51 12.95
C LEU A 338 9.11 -17.01 14.28
N ALA A 339 8.75 -18.25 14.67
CA ALA A 339 9.22 -18.82 15.91
C ALA A 339 10.75 -18.98 15.94
N THR A 340 11.29 -18.98 17.14
CA THR A 340 12.70 -19.22 17.33
C THR A 340 13.07 -20.61 16.82
N ARG A 341 14.05 -20.65 15.90
CA ARG A 341 14.53 -21.91 15.36
C ARG A 341 15.43 -22.56 16.37
N ARG A 342 15.31 -23.88 16.51
CA ARG A 342 16.18 -24.65 17.40
C ARG A 342 16.95 -25.69 16.60
N ASN B 13 -16.37 -3.05 -27.00
CA ASN B 13 -17.37 -2.35 -27.86
C ASN B 13 -16.73 -1.19 -28.65
N TYR B 14 -17.05 0.04 -28.23
CA TYR B 14 -16.45 1.24 -28.80
C TYR B 14 -14.92 1.19 -28.58
N LEU B 15 -14.12 1.32 -29.65
CA LEU B 15 -12.66 1.51 -29.49
C LEU B 15 -12.35 3.01 -29.48
N PRO B 16 -11.89 3.52 -28.34
CA PRO B 16 -11.64 4.97 -28.22
C PRO B 16 -10.47 5.42 -29.07
N VAL B 17 -10.61 6.61 -29.62
CA VAL B 17 -9.49 7.26 -30.31
C VAL B 17 -8.54 7.85 -29.26
N ILE B 18 -7.26 7.49 -29.32
CA ILE B 18 -6.27 8.08 -28.41
C ILE B 18 -5.35 9.00 -29.22
N GLY B 19 -5.30 10.28 -28.85
CA GLY B 19 -4.35 11.22 -29.45
C GLY B 19 -3.00 11.02 -28.77
N ILE B 20 -2.02 10.53 -29.53
CA ILE B 20 -0.68 10.30 -29.01
C ILE B 20 0.23 11.41 -29.47
N THR B 21 0.76 12.20 -28.55
CA THR B 21 1.68 13.26 -28.98
C THR B 21 3.11 12.72 -29.07
N MET B 22 3.84 13.14 -30.10
CA MET B 22 5.17 12.61 -30.35
C MET B 22 6.26 13.10 -29.38
N GLY B 23 6.01 14.18 -28.67
CA GLY B 23 7.00 14.74 -27.77
C GLY B 23 8.16 15.41 -28.47
N ASP B 24 9.28 15.49 -27.79
CA ASP B 24 10.50 16.10 -28.31
C ASP B 24 11.17 15.19 -29.33
N ALA B 25 11.32 15.68 -30.55
CA ALA B 25 11.88 14.90 -31.66
C ALA B 25 13.32 14.43 -31.51
N ALA B 26 14.05 15.02 -30.60
CA ALA B 26 15.42 14.61 -30.36
C ALA B 26 15.47 13.49 -29.32
N GLY B 27 14.39 13.30 -28.60
CA GLY B 27 14.30 12.28 -27.57
C GLY B 27 13.75 10.98 -28.15
N VAL B 28 13.48 10.03 -27.25
CA VAL B 28 12.96 8.68 -27.59
C VAL B 28 11.48 8.57 -27.97
N GLY B 29 10.72 9.67 -27.93
CA GLY B 29 9.29 9.61 -28.20
C GLY B 29 8.92 8.95 -29.53
N ALA B 30 9.53 9.37 -30.62
CA ALA B 30 9.18 8.79 -31.94
C ALA B 30 9.44 7.28 -32.00
N GLU B 31 10.60 6.87 -31.47
CA GLU B 31 10.93 5.46 -31.39
C GLU B 31 9.95 4.67 -30.54
N VAL B 32 9.59 5.19 -29.36
CA VAL B 32 8.67 4.44 -28.53
CA VAL B 32 8.64 4.45 -28.51
C VAL B 32 7.26 4.33 -29.13
N VAL B 33 6.85 5.34 -29.89
CA VAL B 33 5.54 5.33 -30.54
C VAL B 33 5.54 4.28 -31.62
N VAL B 34 6.60 4.26 -32.41
CA VAL B 34 6.67 3.36 -33.53
C VAL B 34 6.79 1.93 -33.01
N LYS B 35 7.55 1.70 -31.95
CA LYS B 35 7.64 0.35 -31.39
C LYS B 35 6.30 -0.05 -30.81
N SER B 36 5.63 0.89 -30.13
CA SER B 36 4.38 0.53 -29.47
C SER B 36 3.33 0.09 -30.46
N LEU B 37 3.22 0.78 -31.57
CA LEU B 37 2.14 0.53 -32.50
C LEU B 37 2.34 -0.70 -33.40
N ALA B 38 3.51 -1.34 -33.27
CA ALA B 38 3.76 -2.68 -33.84
C ALA B 38 3.07 -3.79 -33.07
N HIS B 39 2.59 -3.51 -31.84
CA HIS B 39 1.86 -4.49 -31.06
C HIS B 39 0.39 -4.53 -31.43
N ALA B 40 -0.08 -5.70 -31.86
CA ALA B 40 -1.49 -5.88 -32.20
C ALA B 40 -2.42 -5.60 -31.02
N SER B 41 -1.93 -5.87 -29.81
CA SER B 41 -2.70 -5.64 -28.60
C SER B 41 -3.26 -4.22 -28.54
N VAL B 42 -2.47 -3.25 -29.00
CA VAL B 42 -2.94 -1.85 -28.99
C VAL B 42 -4.27 -1.67 -29.72
N TYR B 43 -4.41 -2.38 -30.85
CA TYR B 43 -5.55 -2.22 -31.74
C TYR B 43 -6.78 -2.97 -31.22
N ALA B 44 -6.59 -3.85 -30.23
CA ALA B 44 -7.70 -4.43 -29.45
C ALA B 44 -8.26 -3.48 -28.41
N GLN B 45 -7.50 -2.43 -28.07
CA GLN B 45 -7.83 -1.52 -26.97
C GLN B 45 -8.29 -0.15 -27.45
N CYS B 46 -7.75 0.33 -28.57
CA CYS B 46 -7.94 1.71 -29.02
C CYS B 46 -7.68 1.89 -30.53
N ARG B 47 -7.99 3.10 -31.00
CA ARG B 47 -7.61 3.54 -32.32
C ARG B 47 -6.54 4.62 -32.12
N PRO B 48 -5.27 4.25 -32.37
CA PRO B 48 -4.15 5.16 -32.02
C PRO B 48 -3.86 6.22 -33.09
N LEU B 49 -4.01 7.48 -32.73
CA LEU B 49 -3.84 8.62 -33.67
C LEU B 49 -2.60 9.38 -33.27
N VAL B 50 -1.59 9.46 -34.12
CA VAL B 50 -0.34 10.16 -33.73
C VAL B 50 -0.37 11.62 -34.19
N ILE B 51 -0.08 12.54 -33.29
CA ILE B 51 0.13 13.95 -33.62
C ILE B 51 1.63 14.21 -33.51
N GLY B 52 2.28 14.57 -34.62
CA GLY B 52 3.72 14.61 -34.66
C GLY B 52 4.33 15.01 -35.98
N ASP B 53 5.38 14.28 -36.34
CA ASP B 53 6.15 14.56 -37.53
C ASP B 53 6.28 13.23 -38.29
N ALA B 54 5.72 13.20 -39.49
CA ALA B 54 5.72 11.96 -40.27
C ALA B 54 7.12 11.49 -40.66
N LYS B 55 7.95 12.43 -41.11
CA LYS B 55 9.34 12.07 -41.43
C LYS B 55 10.09 11.53 -40.21
N ARG B 56 9.85 12.12 -39.05
CA ARG B 56 10.55 11.65 -37.85
C ARG B 56 10.13 10.24 -37.47
N LEU B 57 8.84 9.94 -37.64
CA LEU B 57 8.35 8.59 -37.39
C LEU B 57 8.95 7.58 -38.41
N GLU B 58 9.11 8.02 -39.66
CA GLU B 58 9.78 7.17 -40.66
C GLU B 58 11.24 6.88 -40.28
N ARG B 59 11.97 7.90 -39.82
CA ARG B 59 13.35 7.74 -39.35
C ARG B 59 13.38 6.79 -38.16
N ALA B 60 12.42 6.96 -37.25
CA ALA B 60 12.35 6.07 -36.08
C ALA B 60 12.08 4.65 -36.50
N ASN B 61 11.22 4.47 -37.47
CA ASN B 61 10.94 3.12 -37.99
C ASN B 61 12.22 2.46 -38.52
N GLN B 62 13.01 3.19 -39.26
CA GLN B 62 14.29 2.66 -39.75
C GLN B 62 15.22 2.32 -38.57
N ILE B 63 15.28 3.21 -37.59
CA ILE B 63 16.15 3.04 -36.43
C ILE B 63 15.80 1.79 -35.60
N VAL B 64 14.51 1.51 -35.47
CA VAL B 64 14.03 0.37 -34.66
C VAL B 64 13.91 -0.91 -35.46
N GLY B 65 14.19 -0.85 -36.76
CA GLY B 65 14.04 -2.02 -37.62
C GLY B 65 12.61 -2.45 -37.83
N GLY B 66 11.67 -1.51 -37.76
CA GLY B 66 10.25 -1.78 -37.95
C GLY B 66 9.82 -1.89 -39.41
N GLU B 67 8.55 -2.25 -39.59
CA GLU B 67 7.96 -2.41 -40.91
C GLU B 67 6.78 -1.44 -41.05
N MET B 68 6.79 -0.37 -40.25
CA MET B 68 5.66 0.57 -40.20
CA MET B 68 5.68 0.58 -40.19
C MET B 68 5.72 1.58 -41.34
N LYS B 69 4.57 1.82 -42.01
CA LYS B 69 4.42 2.89 -43.00
C LYS B 69 3.75 4.04 -42.24
N ILE B 70 4.01 5.27 -42.67
CA ILE B 70 3.41 6.45 -42.01
C ILE B 70 2.52 7.16 -43.02
N ARG B 71 1.25 7.38 -42.67
CA ARG B 71 0.22 8.04 -43.53
C ARG B 71 0.01 9.48 -43.05
N ARG B 72 0.42 10.45 -43.86
CA ARG B 72 0.25 11.86 -43.55
C ARG B 72 -1.21 12.28 -43.70
N ILE B 73 -1.79 12.74 -42.60
CA ILE B 73 -3.15 13.23 -42.63
C ILE B 73 -3.20 14.61 -42.03
N GLU B 74 -4.26 15.33 -42.40
CA GLU B 74 -4.47 16.67 -41.88
C GLU B 74 -5.47 16.71 -40.76
N ASP B 75 -6.49 15.89 -40.86
CA ASP B 75 -7.62 15.89 -39.97
C ASP B 75 -7.78 14.52 -39.35
N ALA B 76 -8.22 14.46 -38.11
CA ALA B 76 -8.46 13.19 -37.45
C ALA B 76 -9.42 12.26 -38.20
N SER B 77 -10.33 12.83 -38.98
CA SER B 77 -11.33 12.02 -39.72
C SER B 77 -10.72 11.16 -40.83
N GLU B 78 -9.50 11.50 -41.25
CA GLU B 78 -8.83 10.76 -42.31
CA GLU B 78 -8.83 10.77 -42.29
C GLU B 78 -8.16 9.49 -41.79
N ALA B 79 -8.01 9.36 -40.49
CA ALA B 79 -7.30 8.21 -39.94
C ALA B 79 -8.07 6.93 -40.24
N ARG B 80 -7.33 5.90 -40.67
CA ARG B 80 -7.89 4.57 -40.99
C ARG B 80 -7.61 3.48 -39.94
N TYR B 81 -6.58 3.67 -39.10
CA TYR B 81 -6.27 2.69 -38.06
C TYR B 81 -6.06 1.27 -38.59
N GLU B 82 -5.37 1.18 -39.72
CA GLU B 82 -4.99 -0.10 -40.30
C GLU B 82 -3.64 -0.48 -39.73
N GLN B 83 -3.56 -1.67 -39.13
CA GLN B 83 -2.28 -2.11 -38.58
C GLN B 83 -1.19 -2.10 -39.65
N GLY B 84 0.01 -1.66 -39.29
CA GLY B 84 1.10 -1.52 -40.26
C GLY B 84 1.30 -0.10 -40.80
N THR B 85 0.31 0.77 -40.60
CA THR B 85 0.34 2.11 -41.20
C THR B 85 -0.15 3.06 -40.13
N ILE B 86 0.75 3.90 -39.67
CA ILE B 86 0.41 4.81 -38.60
C ILE B 86 -0.19 6.06 -39.23
N ASP B 87 -1.36 6.46 -38.72
CA ASP B 87 -2.02 7.73 -39.10
C ASP B 87 -1.36 8.85 -38.30
N CYS B 88 -0.71 9.78 -39.00
CA CYS B 88 0.03 10.89 -38.36
C CYS B 88 -0.49 12.24 -38.85
N ILE B 89 -1.12 12.97 -37.93
CA ILE B 89 -1.38 14.38 -38.14
C ILE B 89 -0.01 15.04 -38.12
N ASP B 90 0.47 15.31 -39.34
CA ASP B 90 1.84 15.71 -39.57
C ASP B 90 2.00 17.23 -39.60
N LEU B 91 2.67 17.80 -38.60
CA LEU B 91 2.82 19.25 -38.58
C LEU B 91 4.00 19.71 -39.42
N GLY B 92 4.85 18.78 -39.87
CA GLY B 92 5.97 19.11 -40.77
C GLY B 92 7.02 20.04 -40.16
N LEU B 93 7.20 19.99 -38.84
CA LEU B 93 8.08 20.98 -38.16
C LEU B 93 9.53 20.60 -37.98
N ILE B 94 9.84 19.31 -38.05
CA ILE B 94 11.17 18.81 -37.73
C ILE B 94 12.03 18.62 -38.98
N PRO B 95 13.17 19.32 -39.05
CA PRO B 95 14.10 19.12 -40.19
C PRO B 95 14.51 17.66 -40.31
N ASP B 96 14.63 17.16 -41.54
CA ASP B 96 14.96 15.75 -41.76
C ASP B 96 16.19 15.35 -40.97
N ASP B 97 17.16 16.25 -40.88
CA ASP B 97 18.46 15.91 -40.29
C ASP B 97 18.63 16.39 -38.86
N LEU B 98 17.54 16.76 -38.18
CA LEU B 98 17.68 17.17 -36.80
C LEU B 98 18.34 16.03 -35.98
N PRO B 99 19.43 16.34 -35.22
CA PRO B 99 20.06 15.21 -34.50
C PRO B 99 19.23 14.67 -33.36
N PHE B 100 19.29 13.37 -33.13
CA PHE B 100 18.84 12.79 -31.87
C PHE B 100 19.80 13.08 -30.73
N GLY B 101 19.27 13.21 -29.52
CA GLY B 101 20.08 13.16 -28.34
C GLY B 101 20.70 14.50 -27.99
N GLN B 102 20.27 15.59 -28.64
CA GLN B 102 20.78 16.95 -28.31
C GLN B 102 19.59 17.93 -28.19
N LEU B 103 19.76 18.92 -27.32
CA LEU B 103 18.74 19.96 -27.16
C LEU B 103 18.46 20.70 -28.43
N SER B 104 17.16 20.95 -28.69
CA SER B 104 16.73 21.65 -29.90
C SER B 104 15.52 22.52 -29.60
N ALA B 105 15.68 23.82 -29.81
CA ALA B 105 14.54 24.74 -29.65
C ALA B 105 13.42 24.44 -30.67
N ILE B 106 13.79 24.00 -31.88
CA ILE B 106 12.78 23.60 -32.86
C ILE B 106 11.97 22.40 -32.36
N ALA B 107 12.65 21.40 -31.81
CA ALA B 107 11.96 20.25 -31.24
C ALA B 107 11.11 20.66 -30.04
N GLY B 108 11.59 21.59 -29.24
CA GLY B 108 10.79 22.07 -28.11
C GLY B 108 9.49 22.74 -28.54
N ASP B 109 9.60 23.60 -29.54
CA ASP B 109 8.41 24.23 -30.07
C ASP B 109 7.43 23.17 -30.66
N ALA B 110 7.96 22.21 -31.42
CA ALA B 110 7.10 21.22 -32.06
C ALA B 110 6.38 20.41 -30.97
N ALA B 111 7.07 20.08 -29.85
CA ALA B 111 6.44 19.32 -28.76
C ALA B 111 5.24 20.10 -28.20
N TYR B 112 5.41 21.41 -28.02
CA TYR B 112 4.29 22.28 -27.67
C TYR B 112 3.19 22.23 -28.72
N GLN B 113 3.54 22.28 -30.01
CA GLN B 113 2.50 22.35 -31.03
C GLN B 113 1.69 21.05 -31.05
N TYR B 114 2.35 19.92 -30.80
CA TYR B 114 1.61 18.61 -30.77
C TYR B 114 0.62 18.60 -29.62
N ILE B 115 1.05 19.10 -28.47
CA ILE B 115 0.20 19.17 -27.30
C ILE B 115 -0.98 20.12 -27.53
N LYS B 116 -0.70 21.30 -28.08
CA LYS B 116 -1.78 22.25 -28.41
C LYS B 116 -2.81 21.61 -29.36
N ARG B 117 -2.35 20.91 -30.38
CA ARG B 117 -3.27 20.24 -31.27
C ARG B 117 -4.10 19.15 -30.56
N ALA B 118 -3.47 18.36 -29.72
CA ALA B 118 -4.19 17.38 -28.92
C ALA B 118 -5.28 18.01 -28.07
N VAL B 119 -4.98 19.14 -27.45
CA VAL B 119 -5.96 19.84 -26.60
C VAL B 119 -7.14 20.32 -27.47
N GLU B 120 -6.82 20.77 -28.69
CA GLU B 120 -7.87 21.22 -29.62
C GLU B 120 -8.78 20.06 -30.01
N LEU B 121 -8.18 18.92 -30.33
CA LEU B 121 -8.96 17.74 -30.71
C LEU B 121 -9.80 17.25 -29.57
N ALA B 122 -9.26 17.32 -28.35
CA ALA B 122 -10.02 16.85 -27.19
C ALA B 122 -11.24 17.78 -26.99
N GLN B 123 -11.00 19.09 -27.13
CA GLN B 123 -12.10 20.09 -27.01
C GLN B 123 -13.24 19.92 -28.03
N SER B 124 -12.91 19.49 -29.24
CA SER B 124 -13.91 19.28 -30.32
C SER B 124 -14.52 17.88 -30.29
N GLY B 125 -14.09 17.05 -29.34
CA GLY B 125 -14.54 15.66 -29.22
C GLY B 125 -14.04 14.66 -30.25
N LYS B 126 -12.89 14.98 -30.87
CA LYS B 126 -12.31 14.18 -31.93
C LYS B 126 -11.30 13.16 -31.41
N ILE B 127 -10.93 13.29 -30.15
CA ILE B 127 -10.20 12.20 -29.47
C ILE B 127 -10.85 11.96 -28.12
N ASP B 128 -10.60 10.79 -27.55
CA ASP B 128 -11.23 10.32 -26.31
C ASP B 128 -10.27 10.23 -25.10
N ALA B 129 -8.98 10.48 -25.37
CA ALA B 129 -7.88 10.36 -24.41
C ALA B 129 -6.64 10.90 -25.10
N ILE B 130 -5.68 11.34 -24.28
CA ILE B 130 -4.37 11.78 -24.75
C ILE B 130 -3.30 10.92 -24.09
N CYS B 131 -2.29 10.50 -24.86
CA CYS B 131 -1.15 9.81 -24.33
C CYS B 131 0.07 10.56 -24.79
N THR B 132 0.84 11.12 -23.86
CA THR B 132 1.94 12.02 -24.22
C THR B 132 3.32 11.32 -24.16
N ALA B 133 4.02 11.25 -25.30
CA ALA B 133 5.44 10.85 -25.29
C ALA B 133 6.30 11.94 -24.64
N PRO B 134 7.52 11.59 -24.19
CA PRO B 134 8.26 12.56 -23.36
C PRO B 134 8.72 13.80 -24.10
N LEU B 135 8.84 14.89 -23.35
CA LEU B 135 9.44 16.10 -23.88
C LEU B 135 10.46 16.61 -22.87
N ASN B 136 11.21 17.64 -23.26
CA ASN B 136 12.32 18.18 -22.50
C ASN B 136 12.01 19.64 -22.17
N LYS B 137 11.95 19.96 -20.88
CA LYS B 137 11.54 21.28 -20.42
C LYS B 137 12.51 22.35 -20.91
N GLU B 138 13.82 22.07 -20.85
CA GLU B 138 14.81 23.05 -21.32
C GLU B 138 14.63 23.42 -22.80
N ALA B 139 14.38 22.41 -23.63
CA ALA B 139 14.12 22.65 -25.05
C ALA B 139 12.78 23.36 -25.29
N LEU B 140 11.78 22.98 -24.48
CA LEU B 140 10.49 23.63 -24.53
C LEU B 140 10.63 25.14 -24.31
N HIS B 141 11.38 25.50 -23.27
CA HIS B 141 11.67 26.91 -22.96
C HIS B 141 12.42 27.60 -24.08
N ALA B 142 13.48 27.00 -24.59
CA ALA B 142 14.23 27.54 -25.72
C ALA B 142 13.34 27.77 -26.97
N GLY B 143 12.33 26.94 -27.11
CA GLY B 143 11.37 27.02 -28.21
C GLY B 143 10.28 28.05 -27.98
N GLY B 144 10.35 28.77 -26.86
CA GLY B 144 9.44 29.91 -26.60
C GLY B 144 8.22 29.61 -25.77
N HIS B 145 8.23 28.52 -25.00
CA HIS B 145 7.06 28.09 -24.25
C HIS B 145 7.49 27.79 -22.84
N LYS B 146 7.46 28.83 -22.01
CA LYS B 146 8.12 28.77 -20.71
C LYS B 146 7.17 28.26 -19.62
N TYR B 147 6.70 27.04 -19.79
CA TYR B 147 5.81 26.41 -18.83
C TYR B 147 6.59 25.70 -17.74
N PRO B 148 6.00 25.60 -16.54
CA PRO B 148 6.74 24.88 -15.48
C PRO B 148 6.96 23.38 -15.77
N GLY B 149 6.15 22.80 -16.65
CA GLY B 149 6.28 21.38 -16.97
C GLY B 149 5.26 20.93 -18.01
N HIS B 150 5.40 19.67 -18.41
CA HIS B 150 4.54 19.01 -19.41
C HIS B 150 3.06 19.06 -18.95
N THR B 151 2.79 18.61 -17.74
CA THR B 151 1.43 18.62 -17.18
C THR B 151 0.84 20.02 -17.06
N GLU B 152 1.66 20.95 -16.54
CA GLU B 152 1.26 22.35 -16.41
C GLU B 152 0.87 22.96 -17.75
N MET B 153 1.63 22.62 -18.80
CA MET B 153 1.30 23.09 -20.15
C MET B 153 -0.06 22.57 -20.65
N LEU B 154 -0.31 21.28 -20.45
CA LEU B 154 -1.61 20.68 -20.82
C LEU B 154 -2.75 21.39 -20.11
N ALA B 155 -2.55 21.62 -18.81
CA ALA B 155 -3.60 22.28 -18.00
C ALA B 155 -3.86 23.71 -18.49
N HIS B 156 -2.77 24.50 -18.67
CA HIS B 156 -2.91 25.87 -19.14
C HIS B 156 -3.62 25.99 -20.49
N LEU B 157 -3.21 25.17 -21.45
CA LEU B 157 -3.83 25.17 -22.74
C LEU B 157 -5.30 24.68 -22.71
N THR B 158 -5.62 23.78 -21.78
CA THR B 158 -6.98 23.30 -21.58
C THR B 158 -7.87 24.34 -20.93
N GLY B 159 -7.28 25.23 -20.13
CA GLY B 159 -7.97 26.28 -19.38
C GLY B 159 -8.42 25.88 -17.99
N VAL B 160 -7.68 24.97 -17.36
CA VAL B 160 -7.96 24.55 -15.99
C VAL B 160 -6.78 24.88 -15.10
N ASP B 161 -7.10 25.27 -13.86
CA ASP B 161 -6.12 25.69 -12.86
C ASP B 161 -5.47 24.57 -12.12
N GLU B 162 -6.15 23.43 -12.05
CA GLU B 162 -5.78 22.27 -11.22
C GLU B 162 -6.03 21.00 -11.97
N VAL B 163 -5.16 20.04 -11.78
CA VAL B 163 -5.41 18.65 -12.14
C VAL B 163 -5.03 17.78 -10.95
N SER B 164 -5.45 16.53 -10.99
CA SER B 164 -5.05 15.55 -10.00
C SER B 164 -4.32 14.38 -10.64
N MET B 165 -3.48 13.72 -9.85
CA MET B 165 -2.77 12.56 -10.35
CA MET B 165 -2.71 12.55 -10.29
C MET B 165 -3.40 11.28 -9.77
N MET B 166 -3.56 10.29 -10.64
CA MET B 166 -4.17 9.02 -10.30
CA MET B 166 -4.19 9.02 -10.33
C MET B 166 -3.25 7.87 -10.68
N LEU B 167 -3.31 6.80 -9.92
CA LEU B 167 -2.66 5.55 -10.22
C LEU B 167 -3.72 4.50 -10.39
N VAL B 168 -3.48 3.56 -11.30
CA VAL B 168 -4.43 2.52 -11.60
C VAL B 168 -3.79 1.14 -11.52
N ALA B 169 -4.53 0.22 -10.92
CA ALA B 169 -4.21 -1.21 -10.87
C ALA B 169 -5.52 -2.00 -10.96
N PRO B 170 -5.43 -3.35 -11.00
CA PRO B 170 -6.70 -4.09 -10.95
C PRO B 170 -7.50 -3.83 -9.66
N GLN B 171 -8.77 -3.51 -9.82
CA GLN B 171 -9.67 -3.18 -8.72
C GLN B 171 -9.32 -1.89 -7.97
N LEU B 172 -8.25 -1.18 -8.35
CA LEU B 172 -7.82 -0.04 -7.59
CA LEU B 172 -7.78 -0.02 -7.59
C LEU B 172 -7.57 1.18 -8.48
N ARG B 173 -8.34 2.24 -8.24
CA ARG B 173 -8.02 3.53 -8.83
C ARG B 173 -7.83 4.47 -7.67
N VAL B 174 -6.68 5.11 -7.62
CA VAL B 174 -6.32 5.95 -6.47
C VAL B 174 -5.97 7.34 -6.98
N ILE B 175 -6.81 8.30 -6.63
CA ILE B 175 -6.58 9.71 -6.97
C ILE B 175 -6.06 10.40 -5.74
N HIS B 176 -5.15 11.36 -5.93
CA HIS B 176 -4.46 11.99 -4.79
C HIS B 176 -4.86 13.44 -4.54
N VAL B 177 -5.16 13.77 -3.29
CA VAL B 177 -5.41 15.18 -2.96
C VAL B 177 -4.11 15.99 -3.08
N THR B 178 -3.01 15.41 -2.58
CA THR B 178 -1.66 16.00 -2.67
C THR B 178 -0.70 14.91 -3.14
N THR B 179 0.39 15.35 -3.79
CA THR B 179 1.42 14.44 -4.28
C THR B 179 2.82 14.89 -3.86
N HIS B 180 3.52 15.62 -4.72
CA HIS B 180 4.94 15.91 -4.52
C HIS B 180 5.20 17.11 -3.66
N ILE B 181 5.07 16.86 -2.36
CA ILE B 181 5.25 17.86 -1.33
C ILE B 181 5.63 17.08 -0.07
N GLY B 182 6.36 17.70 0.85
CA GLY B 182 6.65 17.05 2.12
C GLY B 182 5.43 16.68 2.92
N ILE B 183 5.51 15.65 3.75
CA ILE B 183 4.34 15.18 4.48
C ILE B 183 3.70 16.24 5.39
N ILE B 184 4.52 17.01 6.12
CA ILE B 184 3.98 18.06 7.00
C ILE B 184 3.24 19.11 6.17
N ASP B 185 3.88 19.54 5.09
CA ASP B 185 3.29 20.54 4.20
C ASP B 185 2.04 20.02 3.51
N ALA B 186 2.04 18.71 3.22
CA ALA B 186 0.87 18.09 2.63
C ALA B 186 -0.35 18.26 3.53
N ILE B 187 -0.20 17.93 4.81
CA ILE B 187 -1.31 18.02 5.74
C ILE B 187 -1.82 19.47 5.83
N ARG B 188 -0.90 20.43 5.79
CA ARG B 188 -1.30 21.85 5.83
C ARG B 188 -2.06 22.24 4.60
N LYS B 189 -1.70 21.66 3.45
CA LYS B 189 -2.27 22.04 2.18
C LYS B 189 -3.68 21.48 2.02
N ILE B 190 -3.93 20.34 2.63
CA ILE B 190 -5.26 19.74 2.50
C ILE B 190 -6.29 20.58 3.25
N GLU B 191 -7.36 20.98 2.55
CA GLU B 191 -8.50 21.67 3.19
C GLU B 191 -9.71 21.40 2.35
N PRO B 192 -10.91 21.78 2.80
CA PRO B 192 -12.08 21.21 2.09
C PRO B 192 -12.25 21.55 0.61
N GLY B 193 -11.75 22.72 0.16
CA GLY B 193 -11.89 23.07 -1.23
C GLY B 193 -11.12 22.11 -2.13
N LEU B 194 -9.86 21.90 -1.81
CA LEU B 194 -9.01 21.00 -2.61
C LEU B 194 -9.51 19.55 -2.53
N VAL B 195 -9.97 19.13 -1.36
CA VAL B 195 -10.52 17.76 -1.21
C VAL B 195 -11.77 17.63 -2.10
N GLN B 196 -12.68 18.59 -2.01
CA GLN B 196 -13.88 18.61 -2.81
C GLN B 196 -13.53 18.50 -4.30
N ARG B 197 -12.60 19.33 -4.77
CA ARG B 197 -12.27 19.39 -6.19
C ARG B 197 -11.58 18.11 -6.68
N THR B 198 -10.82 17.48 -5.79
CA THR B 198 -10.20 16.18 -6.09
C THR B 198 -11.27 15.11 -6.28
N ILE B 199 -12.24 15.09 -5.39
CA ILE B 199 -13.34 14.12 -5.47
C ILE B 199 -14.18 14.36 -6.76
N GLU B 200 -14.49 15.63 -7.01
CA GLU B 200 -15.22 16.01 -8.22
C GLU B 200 -14.48 15.57 -9.48
N ARG B 201 -13.18 15.84 -9.53
CA ARG B 201 -12.39 15.44 -10.73
C ARG B 201 -12.43 13.94 -10.92
N GLY B 202 -12.26 13.18 -9.85
CA GLY B 202 -12.30 11.72 -9.96
C GLY B 202 -13.68 11.24 -10.40
N ASN B 203 -14.72 11.80 -9.79
CA ASN B 203 -16.08 11.43 -10.13
C ASN B 203 -16.30 11.70 -11.61
N ALA B 204 -15.94 12.90 -12.07
CA ALA B 204 -16.23 13.28 -13.43
C ALA B 204 -15.52 12.38 -14.44
N THR B 205 -14.30 11.98 -14.12
CA THR B 205 -13.51 11.18 -15.05
CA THR B 205 -13.48 11.14 -15.01
C THR B 205 -14.12 9.78 -15.16
N LEU B 206 -14.64 9.25 -14.07
CA LEU B 206 -15.23 7.93 -14.11
C LEU B 206 -16.59 7.90 -14.79
N VAL B 207 -17.36 8.98 -14.65
CA VAL B 207 -18.59 9.13 -15.43
C VAL B 207 -18.25 9.13 -16.91
N LYS B 208 -17.23 9.91 -17.30
CA LYS B 208 -16.84 9.93 -18.71
C LYS B 208 -16.47 8.54 -19.23
N ALA B 209 -15.85 7.75 -18.36
CA ALA B 209 -15.38 6.42 -18.69
C ALA B 209 -16.47 5.37 -18.54
N GLY B 210 -17.69 5.80 -18.29
CA GLY B 210 -18.88 4.91 -18.35
C GLY B 210 -19.37 4.33 -17.03
N ILE B 211 -18.88 4.85 -15.91
CA ILE B 211 -19.42 4.47 -14.62
C ILE B 211 -20.38 5.58 -14.20
N GLU B 212 -21.67 5.30 -14.31
CA GLU B 212 -22.68 6.33 -14.14
C GLU B 212 -22.68 6.95 -12.76
N ARG B 213 -22.47 6.14 -11.73
CA ARG B 213 -22.52 6.58 -10.33
C ARG B 213 -21.34 5.99 -9.57
N PRO B 214 -20.17 6.63 -9.71
CA PRO B 214 -18.96 6.11 -9.07
C PRO B 214 -19.08 5.95 -7.56
N ARG B 215 -18.63 4.81 -7.06
CA ARG B 215 -18.62 4.55 -5.64
C ARG B 215 -17.27 5.00 -5.09
N ILE B 216 -17.26 6.10 -4.33
CA ILE B 216 -16.01 6.78 -3.94
C ILE B 216 -15.75 6.62 -2.46
N GLY B 217 -14.55 6.17 -2.10
CA GLY B 217 -14.14 6.13 -0.69
C GLY B 217 -13.02 7.09 -0.47
N VAL B 218 -13.04 7.79 0.67
CA VAL B 218 -12.06 8.84 0.97
C VAL B 218 -11.27 8.45 2.21
N CYS B 219 -9.95 8.50 2.10
CA CYS B 219 -9.05 8.24 3.22
C CYS B 219 -9.01 9.36 4.24
N GLY B 220 -8.78 9.01 5.50
CA GLY B 220 -8.43 9.96 6.52
C GLY B 220 -7.01 10.47 6.36
N ILE B 221 -6.70 11.49 7.15
CA ILE B 221 -5.36 12.01 7.31
C ILE B 221 -4.62 11.24 8.42
N ASN B 222 -5.28 11.04 9.55
CA ASN B 222 -4.80 10.22 10.63
C ASN B 222 -5.10 8.75 10.43
N PRO B 223 -4.27 7.86 10.98
CA PRO B 223 -4.64 6.44 10.97
C PRO B 223 -6.02 6.24 11.63
N HIS B 224 -6.78 5.28 11.13
CA HIS B 224 -8.12 5.00 11.67
C HIS B 224 -9.08 6.20 11.49
N ALA B 225 -8.73 7.10 10.56
CA ALA B 225 -9.42 8.40 10.38
C ALA B 225 -9.58 9.15 11.70
N GLY B 226 -8.60 8.98 12.59
CA GLY B 226 -8.58 9.69 13.86
C GLY B 226 -9.18 8.94 15.04
N GLU B 227 -9.89 7.85 14.76
CA GLU B 227 -10.45 6.98 15.81
C GLU B 227 -11.29 7.82 16.78
N ASN B 228 -12.25 8.55 16.21
CA ASN B 228 -13.14 9.41 16.98
C ASN B 228 -12.41 10.39 17.89
N GLY B 229 -11.35 11.00 17.37
CA GLY B 229 -10.61 12.02 18.11
C GLY B 229 -9.45 11.52 18.93
N LEU B 230 -9.27 10.21 19.00
CA LEU B 230 -8.18 9.62 19.76
C LEU B 230 -6.80 9.99 19.19
N PHE B 231 -6.70 10.08 17.87
CA PHE B 231 -5.41 10.37 17.22
C PHE B 231 -5.50 11.65 16.42
N GLY B 232 -4.53 12.53 16.59
CA GLY B 232 -4.47 13.73 15.74
C GLY B 232 -5.04 15.02 16.34
N TYR B 233 -5.12 16.03 15.49
CA TYR B 233 -5.54 17.39 15.82
C TYR B 233 -6.86 17.80 15.17
N GLY B 234 -7.78 16.85 14.93
CA GLY B 234 -9.06 17.13 14.32
C GLY B 234 -9.03 17.38 12.83
N GLU B 235 -8.00 16.84 12.16
CA GLU B 235 -7.84 17.12 10.74
C GLU B 235 -9.03 16.59 9.89
N GLU B 236 -9.60 15.46 10.26
CA GLU B 236 -10.73 14.93 9.49
C GLU B 236 -11.91 15.91 9.48
N GLU B 237 -12.25 16.39 10.67
CA GLU B 237 -13.40 17.25 10.83
C GLU B 237 -13.12 18.62 10.18
N GLU B 238 -11.87 19.10 10.26
CA GLU B 238 -11.52 20.43 9.74
C GLU B 238 -11.32 20.45 8.22
N LYS B 239 -10.72 19.38 7.70
CA LYS B 239 -10.19 19.41 6.33
C LYS B 239 -10.95 18.53 5.34
N ILE B 240 -11.59 17.47 5.81
CA ILE B 240 -12.16 16.45 4.92
C ILE B 240 -13.67 16.43 4.99
N ILE B 241 -14.20 16.25 6.17
CA ILE B 241 -15.65 16.01 6.34
C ILE B 241 -16.54 17.07 5.66
N PRO B 242 -16.17 18.37 5.73
CA PRO B 242 -17.04 19.36 5.05
C PRO B 242 -17.19 19.17 3.54
N ALA B 243 -16.13 18.70 2.88
CA ALA B 243 -16.18 18.36 1.47
C ALA B 243 -17.05 17.13 1.18
N VAL B 244 -16.88 16.09 1.99
CA VAL B 244 -17.66 14.86 1.86
C VAL B 244 -19.15 15.16 2.03
N THR B 245 -19.50 15.87 3.10
CA THR B 245 -20.89 16.24 3.34
C THR B 245 -21.51 17.00 2.18
N LEU B 246 -20.82 18.03 1.71
CA LEU B 246 -21.32 18.80 0.57
CA LEU B 246 -21.32 18.80 0.57
C LEU B 246 -21.59 17.94 -0.66
N LEU B 247 -20.64 17.05 -0.99
CA LEU B 247 -20.79 16.22 -2.18
C LEU B 247 -21.86 15.12 -1.99
N GLN B 248 -22.04 14.64 -0.77
CA GLN B 248 -23.14 13.70 -0.49
C GLN B 248 -24.47 14.40 -0.71
N GLU B 249 -24.57 15.63 -0.23
CA GLU B 249 -25.82 16.35 -0.37
CA GLU B 249 -25.81 16.42 -0.38
C GLU B 249 -26.10 16.70 -1.84
N ARG B 250 -25.05 16.86 -2.64
CA ARG B 250 -25.19 17.06 -4.08
C ARG B 250 -25.65 15.79 -4.79
N GLY B 251 -25.47 14.63 -4.18
CA GLY B 251 -25.92 13.35 -4.73
C GLY B 251 -24.82 12.38 -5.15
N LEU B 252 -23.55 12.73 -4.92
CA LEU B 252 -22.44 11.83 -5.25
CA LEU B 252 -22.44 11.83 -5.25
C LEU B 252 -22.38 10.73 -4.20
N ASP B 253 -21.86 9.57 -4.61
CA ASP B 253 -21.72 8.43 -3.72
C ASP B 253 -20.33 8.48 -3.08
N VAL B 254 -20.25 9.16 -1.95
CA VAL B 254 -18.98 9.38 -1.24
C VAL B 254 -19.08 8.92 0.19
N THR B 255 -18.10 8.11 0.59
CA THR B 255 -17.98 7.55 1.95
C THR B 255 -16.63 7.91 2.53
N GLY B 256 -16.64 8.47 3.73
CA GLY B 256 -15.40 8.69 4.43
C GLY B 256 -15.48 9.97 5.23
N PRO B 257 -14.38 10.34 5.89
CA PRO B 257 -13.08 9.65 5.83
C PRO B 257 -13.07 8.31 6.56
N LEU B 258 -12.43 7.32 5.91
CA LEU B 258 -12.28 5.96 6.43
C LEU B 258 -10.83 5.71 6.76
N PRO B 259 -10.57 4.76 7.65
CA PRO B 259 -9.22 4.29 7.85
C PRO B 259 -8.66 3.88 6.49
N ALA B 260 -7.52 4.45 6.11
CA ALA B 260 -7.00 4.25 4.76
C ALA B 260 -6.72 2.79 4.44
N ASP B 261 -6.16 2.08 5.41
CA ASP B 261 -5.83 0.68 5.19
C ASP B 261 -7.06 -0.21 4.96
N THR B 262 -8.11 -0.02 5.75
CA THR B 262 -9.41 -0.69 5.57
C THR B 262 -10.05 -0.36 4.22
N LEU B 263 -9.99 0.90 3.84
CA LEU B 263 -10.48 1.31 2.52
C LEU B 263 -9.73 0.64 1.37
N PHE B 264 -8.40 0.54 1.46
CA PHE B 264 -7.68 -0.21 0.43
C PHE B 264 -8.05 -1.70 0.36
N PHE B 265 -8.26 -2.32 1.52
CA PHE B 265 -8.73 -3.71 1.58
C PHE B 265 -10.07 -3.81 0.84
N ARG B 266 -11.00 -2.90 1.17
CA ARG B 266 -12.34 -2.95 0.54
C ARG B 266 -12.33 -2.66 -0.94
N ALA B 267 -11.51 -1.69 -1.35
CA ALA B 267 -11.33 -1.36 -2.75
C ALA B 267 -10.80 -2.55 -3.53
N GLY B 268 -9.80 -3.23 -2.99
CA GLY B 268 -9.24 -4.42 -3.60
C GLY B 268 -10.26 -5.54 -3.75
N ARG B 269 -11.21 -5.59 -2.81
CA ARG B 269 -12.33 -6.56 -2.83
C ARG B 269 -13.41 -6.19 -3.84
N GLY B 270 -13.42 -4.93 -4.34
CA GLY B 270 -14.40 -4.50 -5.32
C GLY B 270 -15.51 -3.58 -4.83
N ASP B 271 -15.37 -3.07 -3.61
CA ASP B 271 -16.41 -2.22 -3.02
C ASP B 271 -16.41 -0.77 -3.50
N PHE B 272 -15.33 -0.32 -4.16
CA PHE B 272 -15.22 1.08 -4.56
C PHE B 272 -14.64 1.21 -5.94
N ASP B 273 -15.16 2.20 -6.69
CA ASP B 273 -14.60 2.54 -8.00
C ASP B 273 -13.40 3.45 -7.91
N LEU B 274 -13.26 4.15 -6.79
CA LEU B 274 -12.23 5.17 -6.64
C LEU B 274 -11.88 5.28 -5.15
N VAL B 275 -10.59 5.40 -4.89
CA VAL B 275 -10.05 5.68 -3.58
C VAL B 275 -9.38 7.07 -3.64
N VAL B 276 -9.77 7.95 -2.73
CA VAL B 276 -9.17 9.29 -2.61
C VAL B 276 -8.16 9.29 -1.47
N ALA B 277 -6.89 9.25 -1.86
CA ALA B 277 -5.77 9.26 -0.92
C ALA B 277 -5.43 10.70 -0.64
N MET B 278 -5.01 10.99 0.60
CA MET B 278 -4.74 12.34 1.03
C MET B 278 -3.34 12.78 0.67
N TYR B 279 -2.39 11.86 0.69
CA TYR B 279 -0.99 12.20 0.41
C TYR B 279 -0.28 11.06 -0.32
N HIS B 280 0.86 11.40 -0.91
CA HIS B 280 1.61 10.54 -1.84
C HIS B 280 1.76 9.10 -1.36
N ASP B 281 2.45 8.87 -0.25
CA ASP B 281 2.78 7.49 0.14
C ASP B 281 1.53 6.72 0.55
N GLN B 282 0.51 7.39 1.07
CA GLN B 282 -0.73 6.71 1.45
C GLN B 282 -1.36 6.02 0.25
N GLY B 283 -1.32 6.69 -0.91
CA GLY B 283 -1.91 6.13 -2.15
C GLY B 283 -0.94 5.30 -2.98
N HIS B 284 0.34 5.66 -2.96
CA HIS B 284 1.30 5.06 -3.88
C HIS B 284 1.76 3.70 -3.39
N GLY B 285 1.96 3.56 -2.08
CA GLY B 285 2.45 2.28 -1.55
C GLY B 285 1.56 1.09 -1.90
N PRO B 286 0.24 1.25 -1.73
CA PRO B 286 -0.64 0.11 -1.98
C PRO B 286 -0.73 -0.28 -3.49
N VAL B 287 -0.53 0.68 -4.38
CA VAL B 287 -0.46 0.35 -5.79
C VAL B 287 0.89 -0.28 -6.14
N LYS B 288 1.99 0.31 -5.68
CA LYS B 288 3.32 -0.15 -6.07
C LYS B 288 3.63 -1.54 -5.52
N VAL B 289 3.06 -1.91 -4.38
CA VAL B 289 3.39 -3.20 -3.77
C VAL B 289 3.01 -4.36 -4.68
N LEU B 290 2.03 -4.13 -5.57
CA LEU B 290 1.49 -5.16 -6.44
C LEU B 290 2.45 -5.58 -7.55
N GLY B 291 3.49 -4.78 -7.77
CA GLY B 291 4.57 -5.18 -8.66
C GLY B 291 4.24 -5.09 -10.14
N LEU B 292 3.26 -4.27 -10.51
CA LEU B 292 2.82 -4.21 -11.93
C LEU B 292 3.71 -3.28 -12.74
N GLU B 293 3.52 -3.28 -14.06
CA GLU B 293 4.34 -2.46 -14.98
C GLU B 293 4.44 -1.03 -14.47
N ALA B 294 5.67 -0.59 -14.22
CA ALA B 294 5.91 0.70 -13.59
C ALA B 294 5.92 1.86 -14.60
N GLY B 295 5.82 3.06 -14.03
CA GLY B 295 6.14 4.28 -14.73
C GLY B 295 4.99 5.02 -15.38
N VAL B 296 3.76 4.57 -15.21
CA VAL B 296 2.61 5.25 -15.83
C VAL B 296 1.89 6.18 -14.84
N ASN B 297 1.71 7.44 -15.23
CA ASN B 297 0.97 8.39 -14.41
C ASN B 297 -0.27 8.80 -15.14
N VAL B 298 -1.40 8.85 -14.43
CA VAL B 298 -2.64 9.31 -15.02
C VAL B 298 -3.00 10.71 -14.55
N THR B 299 -3.24 11.61 -15.50
CA THR B 299 -3.65 12.96 -15.20
C THR B 299 -5.16 13.11 -15.36
N VAL B 300 -5.81 13.63 -14.30
CA VAL B 300 -7.25 13.77 -14.23
C VAL B 300 -7.64 15.22 -14.18
N GLY B 301 -8.62 15.60 -15.01
CA GLY B 301 -9.19 16.96 -14.95
C GLY B 301 -9.06 17.78 -16.21
N LEU B 302 -8.38 17.26 -17.22
CA LEU B 302 -8.37 17.87 -18.53
C LEU B 302 -9.69 17.50 -19.23
N GLU B 303 -9.83 17.85 -20.51
CA GLU B 303 -11.12 17.55 -21.19
C GLU B 303 -11.31 16.06 -21.40
N VAL B 304 -10.22 15.34 -21.62
CA VAL B 304 -10.20 13.87 -21.65
C VAL B 304 -9.07 13.39 -20.72
N ILE B 305 -9.14 12.12 -20.36
CA ILE B 305 -8.06 11.51 -19.59
C ILE B 305 -6.72 11.68 -20.34
N ARG B 306 -5.63 11.82 -19.59
CA ARG B 306 -4.30 11.83 -20.16
C ARG B 306 -3.41 10.89 -19.38
N THR B 307 -2.63 10.10 -20.13
CA THR B 307 -1.57 9.29 -19.53
C THR B 307 -0.20 9.67 -20.08
N SER B 308 0.83 9.24 -19.35
CA SER B 308 2.17 9.48 -19.74
C SER B 308 3.08 8.46 -19.13
N VAL B 309 4.31 8.42 -19.61
CA VAL B 309 5.34 7.61 -18.95
C VAL B 309 6.33 8.48 -18.20
N ASP B 310 6.96 7.93 -17.19
CA ASP B 310 7.91 8.74 -16.43
C ASP B 310 9.38 8.64 -16.86
N HIS B 311 9.68 7.89 -17.91
N HIS B 311 9.69 8.00 -18.00
CA HIS B 311 11.02 8.01 -18.48
CA HIS B 311 11.13 7.75 -18.36
C HIS B 311 11.02 9.34 -19.24
C HIS B 311 11.95 8.91 -19.00
N GLY B 312 12.13 10.06 -19.16
N GLY B 312 11.33 10.06 -19.30
CA GLY B 312 12.25 11.31 -19.87
CA GLY B 312 12.04 11.22 -19.92
C GLY B 312 12.51 11.07 -21.35
C GLY B 312 12.46 11.04 -21.39
N THR B 313 13.05 12.09 -21.99
CA THR B 313 13.48 12.04 -23.39
C THR B 313 14.64 11.09 -23.63
N ALA B 314 15.39 10.78 -22.56
CA ALA B 314 16.48 9.77 -22.61
C ALA B 314 17.45 10.01 -23.78
N PHE B 315 18.01 11.23 -23.83
CA PHE B 315 18.92 11.60 -24.91
C PHE B 315 20.10 10.65 -25.04
N ASP B 316 20.53 10.01 -23.96
CA ASP B 316 21.65 9.05 -24.06
C ASP B 316 21.40 7.83 -24.93
N ILE B 317 20.12 7.48 -25.11
CA ILE B 317 19.78 6.36 -25.98
C ILE B 317 18.91 6.76 -27.17
N ALA B 318 18.49 8.02 -27.27
CA ALA B 318 17.66 8.46 -28.37
C ALA B 318 18.39 8.24 -29.71
N GLY B 319 17.64 7.76 -30.68
CA GLY B 319 18.12 7.42 -32.01
C GLY B 319 18.88 6.14 -32.15
N LYS B 320 18.94 5.32 -31.08
CA LYS B 320 19.69 4.10 -31.11
C LYS B 320 18.82 2.86 -31.20
N GLY B 321 17.50 3.04 -31.10
CA GLY B 321 16.56 1.93 -31.28
C GLY B 321 16.43 0.98 -30.09
N VAL B 322 16.98 1.37 -28.94
CA VAL B 322 16.98 0.47 -27.76
C VAL B 322 15.93 0.80 -26.70
N VAL B 323 15.30 1.97 -26.82
CA VAL B 323 14.29 2.35 -25.85
C VAL B 323 13.22 1.26 -25.76
N ASP B 324 12.81 0.95 -24.52
CA ASP B 324 11.80 -0.07 -24.35
C ASP B 324 10.39 0.52 -24.31
N GLU B 325 9.47 -0.09 -25.05
CA GLU B 325 8.09 0.43 -25.19
C GLU B 325 7.06 -0.08 -24.17
N GLY B 326 7.49 -0.89 -23.20
CA GLY B 326 6.58 -1.45 -22.20
C GLY B 326 5.77 -0.44 -21.42
N SER B 327 6.44 0.60 -20.94
CA SER B 327 5.75 1.68 -20.21
CA SER B 327 5.78 1.70 -20.21
C SER B 327 4.74 2.39 -21.10
N MET B 328 5.11 2.70 -22.34
CA MET B 328 4.19 3.33 -23.28
CA MET B 328 4.15 3.36 -23.24
C MET B 328 2.95 2.47 -23.56
N LEU B 329 3.18 1.18 -23.75
CA LEU B 329 2.07 0.23 -23.99
C LEU B 329 1.09 0.24 -22.82
N GLU B 330 1.62 0.31 -21.60
CA GLU B 330 0.76 0.35 -20.42
C GLU B 330 0.05 1.71 -20.34
N ALA B 331 0.74 2.81 -20.69
CA ALA B 331 0.11 4.12 -20.72
C ALA B 331 -1.07 4.14 -21.72
N LEU B 332 -0.88 3.50 -22.86
CA LEU B 332 -1.95 3.39 -23.87
C LEU B 332 -3.12 2.55 -23.35
N ARG B 333 -2.80 1.44 -22.70
CA ARG B 333 -3.82 0.56 -22.16
C ARG B 333 -4.65 1.28 -21.10
N GLN B 334 -3.98 1.96 -20.17
CA GLN B 334 -4.68 2.66 -19.11
C GLN B 334 -5.49 3.80 -19.66
N GLY B 335 -4.95 4.50 -20.66
CA GLY B 335 -5.65 5.57 -21.36
C GLY B 335 -6.93 5.06 -22.02
N ALA B 336 -6.82 3.93 -22.70
CA ALA B 336 -7.98 3.31 -23.36
C ALA B 336 -9.09 2.95 -22.37
N GLU B 337 -8.72 2.38 -21.22
CA GLU B 337 -9.71 1.98 -20.21
C GLU B 337 -10.41 3.17 -19.61
N LEU B 338 -9.73 4.32 -19.49
CA LEU B 338 -10.35 5.51 -18.91
C LEU B 338 -10.83 6.52 -19.94
N ALA B 339 -10.78 6.17 -21.22
CA ALA B 339 -11.15 7.13 -22.24
C ALA B 339 -12.64 7.48 -22.20
N THR B 340 -12.98 8.64 -22.73
CA THR B 340 -14.37 9.03 -22.81
C THR B 340 -15.15 8.05 -23.68
N ARG B 341 -16.22 7.50 -23.13
CA ARG B 341 -17.08 6.56 -23.86
C ARG B 341 -18.01 7.34 -24.75
N ARG B 342 -18.23 6.83 -25.96
CA ARG B 342 -19.16 7.43 -26.91
C ARG B 342 -20.22 6.40 -27.23
#